data_1PK9
#
_entry.id   1PK9
#
_cell.length_a   122.000
_cell.length_b   122.000
_cell.length_c   241.900
_cell.angle_alpha   90.00
_cell.angle_beta   90.00
_cell.angle_gamma   120.00
#
_symmetry.space_group_name_H-M   'P 61 2 2'
#
loop_
_entity.id
_entity.type
_entity.pdbx_description
1 polymer 'Purine nucleoside phosphorylase DeoD-type'
2 non-polymer 'PHOSPHATE ION'
3 non-polymer 2-(6-AMINO-2-FLUORO-PURIN-9-YL)-5-HYDROXYMETHYL-TETRAHYDRO-FURAN-3,4-DIOL
4 water water
#
_entity_poly.entity_id   1
_entity_poly.type   'polypeptide(L)'
_entity_poly.pdbx_seq_one_letter_code
;ATPHINAEMGDFADVVLMPGDPLRAKYIAETFLEDAREVNNVRGMLGFTGTYKGRKISVMGHGMGIPSCSIYTKELITDF
GVKKIIRVGSCGAVLPHVKLRDVVIGMGACTDSKVNRIRFKDHDFAAIADFDMVRNAVDAAKALGIDARVGNLFSADLFY
SPDGEMFDVMEKYGILGVEMEAAGIYGVAAEFGAKALTICTVSDHIRTHEQTTAAERQTTFNDMIKIALESVLLGDK
;
_entity_poly.pdbx_strand_id   A,B,C
#
# COMPACT_ATOMS: atom_id res chain seq x y z
N ALA A 1 -8.69 36.66 12.49
CA ALA A 1 -7.41 36.37 11.79
C ALA A 1 -7.01 34.92 12.00
N THR A 2 -6.49 34.28 10.96
CA THR A 2 -6.06 32.90 11.07
C THR A 2 -4.54 32.89 10.94
N PRO A 3 -3.90 31.73 11.17
CA PRO A 3 -2.44 31.65 11.06
C PRO A 3 -1.88 32.17 9.74
N HIS A 4 -2.61 32.02 8.64
CA HIS A 4 -2.09 32.45 7.34
C HIS A 4 -2.90 33.56 6.65
N ILE A 5 -3.94 34.06 7.30
CA ILE A 5 -4.75 35.12 6.70
C ILE A 5 -5.08 36.16 7.77
N ASN A 6 -4.46 37.32 7.67
CA ASN A 6 -4.69 38.39 8.63
C ASN A 6 -5.91 39.23 8.24
N ALA A 7 -7.10 38.69 8.52
CA ALA A 7 -8.35 39.37 8.20
C ALA A 7 -9.43 38.90 9.15
N GLU A 8 -10.61 39.52 9.04
CA GLU A 8 -11.74 39.16 9.89
C GLU A 8 -12.96 38.71 9.08
N MET A 9 -13.87 37.99 9.73
CA MET A 9 -15.09 37.53 9.07
C MET A 9 -15.74 38.70 8.39
N GLY A 10 -16.14 38.53 7.13
CA GLY A 10 -16.76 39.62 6.40
C GLY A 10 -15.84 40.24 5.38
N ASP A 11 -14.53 40.07 5.58
CA ASP A 11 -13.57 40.64 4.64
C ASP A 11 -13.59 39.93 3.28
N PHE A 12 -13.91 38.63 3.27
CA PHE A 12 -13.98 37.87 2.02
C PHE A 12 -15.43 37.64 1.58
N ALA A 13 -15.66 37.58 0.27
CA ALA A 13 -16.98 37.31 -0.26
C ALA A 13 -17.20 35.81 -0.02
N ASP A 14 -18.41 35.31 -0.26
CA ASP A 14 -18.66 33.89 -0.04
C ASP A 14 -18.14 33.07 -1.21
N VAL A 15 -17.59 33.74 -2.21
CA VAL A 15 -17.02 33.08 -3.38
C VAL A 15 -15.61 33.62 -3.59
N VAL A 16 -14.64 32.71 -3.72
CA VAL A 16 -13.25 33.14 -3.91
C VAL A 16 -12.59 32.46 -5.10
N LEU A 17 -11.99 33.27 -5.98
CA LEU A 17 -11.26 32.77 -7.15
C LEU A 17 -9.80 32.64 -6.70
N MET A 18 -9.14 31.53 -7.04
CA MET A 18 -7.76 31.36 -6.62
C MET A 18 -6.75 30.88 -7.68
N PRO A 19 -5.79 31.73 -8.04
CA PRO A 19 -4.79 31.32 -9.02
C PRO A 19 -3.61 30.75 -8.22
N GLY A 20 -2.71 30.02 -8.88
CA GLY A 20 -1.57 29.47 -8.19
C GLY A 20 -0.52 30.53 -7.97
N ASP A 21 -0.30 31.35 -8.99
CA ASP A 21 0.66 32.45 -8.97
C ASP A 21 0.05 33.61 -8.18
N PRO A 22 0.63 33.95 -7.01
CA PRO A 22 0.10 35.05 -6.21
C PRO A 22 0.02 36.38 -6.96
N LEU A 23 0.96 36.60 -7.88
CA LEU A 23 0.98 37.84 -8.67
C LEU A 23 -0.28 38.01 -9.51
N ARG A 24 -0.96 36.91 -9.83
CA ARG A 24 -2.18 36.97 -10.62
C ARG A 24 -3.38 37.53 -9.88
N ALA A 25 -3.32 37.53 -8.54
CA ALA A 25 -4.40 38.04 -7.73
C ALA A 25 -4.63 39.54 -7.95
N LYS A 26 -3.55 40.32 -7.93
CA LYS A 26 -3.66 41.76 -8.12
C LYS A 26 -4.12 42.08 -9.54
N TYR A 27 -3.63 41.31 -10.51
CA TYR A 27 -4.02 41.50 -11.91
C TYR A 27 -5.52 41.32 -12.09
N ILE A 28 -6.07 40.24 -11.52
CA ILE A 28 -7.49 39.95 -11.61
C ILE A 28 -8.35 41.03 -10.95
N ALA A 29 -7.91 41.52 -9.79
CA ALA A 29 -8.64 42.55 -9.06
C ALA A 29 -8.71 43.85 -9.84
N GLU A 30 -7.58 44.27 -10.40
CA GLU A 30 -7.49 45.50 -11.17
C GLU A 30 -8.19 45.41 -12.52
N THR A 31 -8.06 44.27 -13.19
CA THR A 31 -8.66 44.07 -14.50
C THR A 31 -10.15 43.74 -14.53
N PHE A 32 -10.62 42.92 -13.60
CA PHE A 32 -12.03 42.52 -13.60
C PHE A 32 -12.95 42.98 -12.48
N LEU A 33 -12.40 43.36 -11.33
CA LEU A 33 -13.25 43.77 -10.23
C LEU A 33 -13.39 45.27 -10.06
N GLU A 34 -14.52 45.69 -9.48
CA GLU A 34 -14.81 47.09 -9.22
C GLU A 34 -14.60 47.34 -7.74
N ASP A 35 -14.21 48.57 -7.40
CA ASP A 35 -13.99 48.98 -6.01
C ASP A 35 -13.23 47.98 -5.16
N ALA A 36 -12.18 47.37 -5.72
CA ALA A 36 -11.41 46.37 -4.99
C ALA A 36 -10.59 46.92 -3.80
N ARG A 37 -10.55 46.16 -2.72
CA ARG A 37 -9.80 46.55 -1.53
C ARG A 37 -8.91 45.38 -1.09
N GLU A 38 -7.72 45.70 -0.56
CA GLU A 38 -6.79 44.66 -0.11
C GLU A 38 -7.23 44.10 1.24
N VAL A 39 -7.24 42.77 1.37
CA VAL A 39 -7.67 42.14 2.61
C VAL A 39 -6.66 41.16 3.25
N ASN A 40 -5.56 40.89 2.56
CA ASN A 40 -4.51 40.00 3.10
C ASN A 40 -3.15 40.26 2.47
N ASN A 41 -2.10 40.08 3.27
CA ASN A 41 -0.72 40.26 2.80
C ASN A 41 0.27 39.30 3.48
N VAL A 42 -0.23 38.47 4.41
CA VAL A 42 0.63 37.53 5.13
C VAL A 42 1.40 36.62 4.18
N ARG A 43 2.69 36.48 4.42
CA ARG A 43 3.59 35.66 3.60
C ARG A 43 3.58 36.05 2.12
N GLY A 44 3.08 37.25 1.82
CA GLY A 44 3.04 37.70 0.44
C GLY A 44 1.85 37.19 -0.37
N MET A 45 0.91 36.51 0.28
CA MET A 45 -0.27 36.01 -0.41
C MET A 45 -1.34 37.10 -0.43
N LEU A 46 -1.22 38.00 -1.40
CA LEU A 46 -2.16 39.11 -1.52
C LEU A 46 -3.59 38.71 -1.85
N GLY A 47 -4.54 39.22 -1.05
CA GLY A 47 -5.95 38.93 -1.26
C GLY A 47 -6.74 40.22 -1.49
N PHE A 48 -7.75 40.15 -2.35
CA PHE A 48 -8.57 41.32 -2.67
C PHE A 48 -10.06 40.99 -2.71
N THR A 49 -10.88 41.98 -2.39
CA THR A 49 -12.33 41.82 -2.42
C THR A 49 -12.98 43.01 -3.14
N GLY A 50 -13.87 42.72 -4.09
CA GLY A 50 -14.55 43.76 -4.84
C GLY A 50 -15.86 43.21 -5.40
N THR A 51 -16.33 43.78 -6.51
CA THR A 51 -17.56 43.31 -7.13
C THR A 51 -17.47 43.13 -8.64
N TYR A 52 -18.26 42.20 -9.16
CA TYR A 52 -18.34 41.94 -10.59
C TYR A 52 -19.83 42.01 -10.92
N LYS A 53 -20.22 43.04 -11.67
CA LYS A 53 -21.61 43.25 -12.03
C LYS A 53 -22.49 43.22 -10.79
N GLY A 54 -22.01 43.90 -9.74
CA GLY A 54 -22.75 43.99 -8.48
C GLY A 54 -22.54 42.84 -7.51
N ARG A 55 -21.99 41.74 -8.00
CA ARG A 55 -21.77 40.56 -7.17
C ARG A 55 -20.45 40.65 -6.41
N LYS A 56 -20.49 40.44 -5.10
CA LYS A 56 -19.31 40.50 -4.26
C LYS A 56 -18.41 39.29 -4.59
N ILE A 57 -17.14 39.57 -4.90
CA ILE A 57 -16.17 38.52 -5.24
C ILE A 57 -14.81 38.81 -4.59
N SER A 58 -14.08 37.73 -4.26
CA SER A 58 -12.74 37.86 -3.68
C SER A 58 -11.75 37.06 -4.53
N VAL A 59 -10.49 37.45 -4.48
CA VAL A 59 -9.45 36.74 -5.22
C VAL A 59 -8.16 36.73 -4.39
N MET A 60 -7.52 35.56 -4.31
CA MET A 60 -6.28 35.39 -3.56
C MET A 60 -5.56 34.12 -4.04
N GLY A 61 -4.23 34.19 -4.14
CA GLY A 61 -3.47 33.03 -4.59
C GLY A 61 -3.45 31.87 -3.59
N HIS A 62 -3.13 30.66 -4.06
CA HIS A 62 -3.09 29.50 -3.16
C HIS A 62 -1.72 28.81 -3.03
N GLY A 63 -0.77 29.17 -3.90
CA GLY A 63 0.55 28.56 -3.86
C GLY A 63 0.58 27.24 -4.60
N MET A 64 1.76 26.74 -4.95
CA MET A 64 1.86 25.47 -5.67
C MET A 64 1.80 24.26 -4.74
N GLY A 65 1.07 23.23 -5.15
CA GLY A 65 0.99 22.03 -4.35
C GLY A 65 -0.22 21.89 -3.45
N ILE A 66 -0.63 20.64 -3.25
CA ILE A 66 -1.77 20.30 -2.42
C ILE A 66 -1.63 20.81 -0.97
N PRO A 67 -0.45 20.65 -0.36
CA PRO A 67 -0.29 21.12 1.02
C PRO A 67 -0.55 22.63 1.18
N SER A 68 -0.05 23.42 0.25
CA SER A 68 -0.23 24.86 0.31
C SER A 68 -1.71 25.26 0.14
N CYS A 69 -2.33 24.80 -0.93
CA CYS A 69 -3.73 25.17 -1.17
C CYS A 69 -4.68 24.63 -0.10
N SER A 70 -4.31 23.53 0.54
CA SER A 70 -5.13 22.93 1.58
C SER A 70 -5.23 23.85 2.79
N ILE A 71 -4.15 24.56 3.09
CA ILE A 71 -4.14 25.49 4.20
C ILE A 71 -5.11 26.64 3.93
N TYR A 72 -4.91 27.34 2.82
CA TYR A 72 -5.76 28.48 2.47
C TYR A 72 -7.24 28.17 2.30
N THR A 73 -7.58 27.13 1.54
CA THR A 73 -8.97 26.78 1.35
C THR A 73 -9.65 26.42 2.67
N LYS A 74 -8.96 25.70 3.55
CA LYS A 74 -9.53 25.30 4.82
C LYS A 74 -9.87 26.54 5.68
N GLU A 75 -8.91 27.44 5.83
CA GLU A 75 -9.11 28.64 6.64
C GLU A 75 -10.24 29.54 6.10
N LEU A 76 -10.31 29.69 4.77
CA LEU A 76 -11.36 30.48 4.15
C LEU A 76 -12.75 29.90 4.49
N ILE A 77 -12.88 28.59 4.38
CA ILE A 77 -14.13 27.91 4.65
C ILE A 77 -14.57 27.92 6.12
N THR A 78 -13.67 27.54 7.02
CA THR A 78 -14.02 27.47 8.43
C THR A 78 -14.00 28.78 9.19
N ASP A 79 -13.20 29.74 8.74
CA ASP A 79 -13.12 31.00 9.47
C ASP A 79 -13.66 32.26 8.79
N PHE A 80 -13.87 32.19 7.47
CA PHE A 80 -14.37 33.36 6.75
C PHE A 80 -15.68 33.14 6.01
N GLY A 81 -16.38 32.06 6.34
CA GLY A 81 -17.66 31.75 5.71
C GLY A 81 -17.71 31.54 4.21
N VAL A 82 -16.59 31.19 3.59
CA VAL A 82 -16.55 30.97 2.16
C VAL A 82 -17.34 29.71 1.79
N LYS A 83 -18.19 29.82 0.78
CA LYS A 83 -19.02 28.69 0.34
C LYS A 83 -18.60 28.05 -0.98
N LYS A 84 -17.94 28.83 -1.83
CA LYS A 84 -17.47 28.33 -3.13
C LYS A 84 -16.03 28.76 -3.41
N ILE A 85 -15.24 27.81 -3.90
CA ILE A 85 -13.85 28.08 -4.26
C ILE A 85 -13.67 27.72 -5.73
N ILE A 86 -13.14 28.65 -6.52
CA ILE A 86 -12.88 28.37 -7.93
C ILE A 86 -11.40 28.55 -8.23
N ARG A 87 -10.70 27.44 -8.44
CA ARG A 87 -9.28 27.52 -8.78
C ARG A 87 -9.17 27.85 -10.28
N VAL A 88 -8.38 28.86 -10.60
CA VAL A 88 -8.17 29.24 -11.99
C VAL A 88 -6.68 29.10 -12.26
N GLY A 89 -6.29 28.01 -12.91
CA GLY A 89 -4.88 27.78 -13.16
C GLY A 89 -4.48 27.31 -14.54
N SER A 90 -3.34 26.62 -14.60
CA SER A 90 -2.80 26.11 -15.85
C SER A 90 -2.47 24.63 -15.68
N CYS A 91 -2.29 23.93 -16.79
CA CYS A 91 -1.97 22.50 -16.74
C CYS A 91 -1.26 22.03 -18.00
N GLY A 92 -0.66 20.85 -17.93
CA GLY A 92 0.01 20.25 -19.08
C GLY A 92 -0.87 19.13 -19.59
N ALA A 93 -0.95 18.95 -20.91
CA ALA A 93 -1.80 17.91 -21.49
C ALA A 93 -1.04 16.66 -21.96
N VAL A 94 -1.72 15.52 -21.96
CA VAL A 94 -1.12 14.26 -22.41
C VAL A 94 -1.86 13.64 -23.60
N LEU A 95 -3.10 14.07 -23.81
CA LEU A 95 -3.92 13.56 -24.92
C LEU A 95 -3.63 14.31 -26.20
N PRO A 96 -3.60 13.59 -27.33
CA PRO A 96 -3.34 14.20 -28.64
C PRO A 96 -4.34 15.28 -29.04
N HIS A 97 -5.63 14.99 -28.86
CA HIS A 97 -6.69 15.93 -29.22
C HIS A 97 -6.84 17.15 -28.32
N VAL A 98 -6.12 17.17 -27.19
CA VAL A 98 -6.19 18.33 -26.29
C VAL A 98 -5.06 19.26 -26.69
N LYS A 99 -5.41 20.45 -27.19
CA LYS A 99 -4.43 21.41 -27.67
C LYS A 99 -4.07 22.56 -26.75
N LEU A 100 -2.92 23.17 -27.03
CA LEU A 100 -2.44 24.30 -26.25
C LEU A 100 -3.52 25.38 -26.21
N ARG A 101 -3.65 26.02 -25.05
CA ARG A 101 -4.62 27.08 -24.84
C ARG A 101 -6.06 26.59 -24.65
N ASP A 102 -6.26 25.28 -24.71
CA ASP A 102 -7.60 24.74 -24.50
C ASP A 102 -8.00 25.03 -23.05
N VAL A 103 -9.30 25.16 -22.81
CA VAL A 103 -9.81 25.39 -21.46
C VAL A 103 -10.42 24.06 -20.99
N VAL A 104 -9.94 23.54 -19.86
CA VAL A 104 -10.47 22.29 -19.33
C VAL A 104 -11.08 22.50 -17.95
N ILE A 105 -12.15 21.75 -17.67
CA ILE A 105 -12.86 21.83 -16.40
C ILE A 105 -12.80 20.47 -15.72
N GLY A 106 -12.27 20.45 -14.50
CA GLY A 106 -12.14 19.20 -13.78
C GLY A 106 -13.32 18.74 -12.96
N MET A 107 -14.18 17.90 -13.55
CA MET A 107 -15.33 17.41 -12.82
C MET A 107 -14.77 16.50 -11.71
N GLY A 108 -13.61 15.91 -11.98
CA GLY A 108 -12.96 15.04 -11.02
C GLY A 108 -11.46 15.23 -11.09
N ALA A 109 -10.75 14.76 -10.07
CA ALA A 109 -9.28 14.88 -10.04
C ALA A 109 -8.59 13.68 -9.42
N CYS A 110 -7.78 12.99 -10.23
CA CYS A 110 -7.01 11.83 -9.77
C CYS A 110 -5.79 12.39 -9.04
N THR A 111 -5.02 11.54 -8.35
CA THR A 111 -3.85 12.03 -7.65
C THR A 111 -2.91 10.93 -7.14
N ASP A 112 -1.67 11.32 -6.87
CA ASP A 112 -0.67 10.41 -6.31
C ASP A 112 -0.31 10.84 -4.89
N SER A 113 -1.09 11.79 -4.37
CA SER A 113 -0.90 12.27 -3.00
C SER A 113 -1.59 11.28 -2.05
N LYS A 114 -1.25 11.33 -0.77
CA LYS A 114 -1.86 10.44 0.20
C LYS A 114 -2.88 11.15 1.09
N VAL A 115 -3.12 12.45 0.86
CA VAL A 115 -4.04 13.21 1.70
C VAL A 115 -5.47 12.68 1.81
N ASN A 116 -6.04 12.24 0.70
CA ASN A 116 -7.40 11.72 0.74
C ASN A 116 -7.49 10.31 1.39
N ARG A 117 -6.44 9.50 1.23
CA ARG A 117 -6.42 8.17 1.84
C ARG A 117 -6.32 8.36 3.37
N ILE A 118 -5.62 9.41 3.79
CA ILE A 118 -5.49 9.71 5.20
C ILE A 118 -6.86 10.09 5.74
N ARG A 119 -7.65 10.76 4.90
CA ARG A 119 -8.99 11.19 5.27
C ARG A 119 -10.00 10.04 5.18
N PHE A 120 -9.85 9.21 4.15
CA PHE A 120 -10.80 8.13 3.88
C PHE A 120 -10.40 6.72 4.32
N LYS A 121 -9.75 6.61 5.47
CA LYS A 121 -9.32 5.31 6.00
C LYS A 121 -8.64 4.38 4.99
N ASP A 122 -7.74 4.96 4.21
CA ASP A 122 -6.95 4.26 3.20
C ASP A 122 -7.75 3.65 2.05
N HIS A 123 -8.96 4.16 1.82
CA HIS A 123 -9.78 3.66 0.72
C HIS A 123 -9.75 4.70 -0.40
N ASP A 124 -10.47 4.44 -1.48
CA ASP A 124 -10.52 5.36 -2.62
C ASP A 124 -11.62 6.41 -2.52
N PHE A 125 -11.22 7.66 -2.35
CA PHE A 125 -12.18 8.77 -2.29
C PHE A 125 -12.16 9.45 -3.67
N ALA A 126 -13.32 9.53 -4.32
CA ALA A 126 -13.40 10.18 -5.61
C ALA A 126 -13.47 11.70 -5.39
N ALA A 127 -12.35 12.38 -5.60
CA ALA A 127 -12.32 13.84 -5.41
C ALA A 127 -13.04 14.50 -6.60
N ILE A 128 -14.24 15.00 -6.34
CA ILE A 128 -15.04 15.63 -7.39
C ILE A 128 -15.42 17.09 -7.11
N ALA A 129 -15.78 17.81 -8.17
CA ALA A 129 -16.19 19.20 -8.08
C ALA A 129 -17.69 19.21 -7.78
N ASP A 130 -18.26 20.39 -7.55
CA ASP A 130 -19.70 20.51 -7.32
C ASP A 130 -20.34 20.50 -8.72
N PHE A 131 -21.29 19.61 -8.95
CA PHE A 131 -21.91 19.51 -10.28
C PHE A 131 -22.49 20.82 -10.84
N ASP A 132 -23.25 21.56 -10.03
CA ASP A 132 -23.82 22.80 -10.53
C ASP A 132 -22.74 23.78 -10.97
N MET A 133 -21.65 23.86 -10.20
CA MET A 133 -20.56 24.75 -10.57
C MET A 133 -19.94 24.33 -11.90
N VAL A 134 -19.86 23.02 -12.13
CA VAL A 134 -19.31 22.51 -13.38
C VAL A 134 -20.22 22.94 -14.53
N ARG A 135 -21.52 22.72 -14.36
CA ARG A 135 -22.49 23.08 -15.39
C ARG A 135 -22.52 24.60 -15.63
N ASN A 136 -22.32 25.38 -14.58
CA ASN A 136 -22.32 26.84 -14.73
C ASN A 136 -21.13 27.27 -15.59
N ALA A 137 -19.96 26.68 -15.34
CA ALA A 137 -18.75 27.00 -16.09
C ALA A 137 -18.91 26.63 -17.56
N VAL A 138 -19.54 25.48 -17.81
CA VAL A 138 -19.76 25.02 -19.17
C VAL A 138 -20.68 25.97 -19.94
N ASP A 139 -21.77 26.40 -19.29
CA ASP A 139 -22.73 27.30 -19.92
C ASP A 139 -22.15 28.69 -20.13
N ALA A 140 -21.34 29.16 -19.18
CA ALA A 140 -20.72 30.47 -19.28
C ALA A 140 -19.75 30.47 -20.46
N ALA A 141 -18.97 29.39 -20.59
CA ALA A 141 -18.01 29.31 -21.68
C ALA A 141 -18.74 29.34 -23.03
N LYS A 142 -19.82 28.56 -23.12
CA LYS A 142 -20.61 28.48 -24.34
C LYS A 142 -21.13 29.87 -24.73
N ALA A 143 -21.66 30.60 -23.75
CA ALA A 143 -22.18 31.93 -23.99
C ALA A 143 -21.09 32.86 -24.50
N LEU A 144 -19.84 32.57 -24.14
CA LEU A 144 -18.71 33.38 -24.58
C LEU A 144 -18.10 32.82 -25.86
N GLY A 145 -18.78 31.85 -26.45
CA GLY A 145 -18.29 31.25 -27.67
C GLY A 145 -17.01 30.48 -27.47
N ILE A 146 -16.81 29.93 -26.29
CA ILE A 146 -15.60 29.15 -25.99
C ILE A 146 -15.92 27.69 -25.72
N ASP A 147 -15.19 26.79 -26.37
CA ASP A 147 -15.40 25.36 -26.19
C ASP A 147 -14.52 24.83 -25.06
N ALA A 148 -15.13 24.12 -24.11
CA ALA A 148 -14.39 23.59 -22.97
C ALA A 148 -14.62 22.09 -22.79
N ARG A 149 -13.56 21.37 -22.42
CA ARG A 149 -13.66 19.93 -22.19
C ARG A 149 -13.88 19.68 -20.70
N VAL A 150 -14.76 18.74 -20.38
CA VAL A 150 -15.05 18.40 -18.99
C VAL A 150 -14.60 16.97 -18.73
N GLY A 151 -13.70 16.79 -17.77
CA GLY A 151 -13.21 15.45 -17.48
C GLY A 151 -12.35 15.36 -16.24
N ASN A 152 -11.45 14.38 -16.24
CA ASN A 152 -10.55 14.16 -15.11
C ASN A 152 -9.25 14.92 -15.24
N LEU A 153 -8.80 15.44 -14.11
CA LEU A 153 -7.53 16.16 -14.00
C LEU A 153 -6.67 15.20 -13.19
N PHE A 154 -5.36 15.38 -13.18
CA PHE A 154 -4.47 14.57 -12.36
C PHE A 154 -3.66 15.57 -11.55
N SER A 155 -3.74 15.48 -10.23
CA SER A 155 -3.01 16.38 -9.35
C SER A 155 -1.74 15.67 -8.87
N ALA A 156 -0.61 16.09 -9.40
CA ALA A 156 0.69 15.50 -9.09
C ALA A 156 1.37 16.16 -7.89
N ASP A 157 2.08 15.36 -7.10
CA ASP A 157 2.83 15.89 -5.96
C ASP A 157 4.23 16.29 -6.46
N LEU A 158 4.72 15.58 -7.47
CA LEU A 158 6.04 15.86 -8.04
C LEU A 158 5.98 16.36 -9.47
N PHE A 159 6.28 17.64 -9.66
CA PHE A 159 6.28 18.26 -10.98
C PHE A 159 7.33 17.49 -11.80
N TYR A 160 8.43 17.11 -11.16
CA TYR A 160 9.48 16.34 -11.82
C TYR A 160 9.41 14.91 -11.25
N SER A 161 8.57 14.07 -11.84
CA SER A 161 8.42 12.70 -11.35
C SER A 161 9.55 11.79 -11.83
N PRO A 162 10.01 10.90 -10.96
CA PRO A 162 11.10 9.96 -11.27
C PRO A 162 10.87 9.01 -12.45
N ASP A 163 9.62 8.82 -12.86
CA ASP A 163 9.36 7.95 -14.01
C ASP A 163 8.15 8.39 -14.83
N GLY A 164 8.40 8.69 -16.10
CA GLY A 164 7.34 9.16 -16.99
C GLY A 164 6.39 8.10 -17.49
N GLU A 165 6.54 6.88 -17.00
CA GLU A 165 5.67 5.79 -17.44
C GLU A 165 4.21 6.12 -17.05
N MET A 166 4.03 6.87 -15.97
CA MET A 166 2.69 7.23 -15.50
C MET A 166 1.95 8.12 -16.49
N PHE A 167 2.67 8.88 -17.30
CA PHE A 167 2.02 9.75 -18.27
C PHE A 167 1.28 8.90 -19.31
N ASP A 168 1.81 7.72 -19.60
CA ASP A 168 1.17 6.83 -20.56
C ASP A 168 -0.14 6.34 -19.95
N VAL A 169 -0.10 6.01 -18.67
CA VAL A 169 -1.27 5.54 -17.95
C VAL A 169 -2.35 6.63 -17.94
N MET A 170 -1.93 7.85 -17.61
CA MET A 170 -2.84 8.99 -17.58
C MET A 170 -3.55 9.15 -18.92
N GLU A 171 -2.79 9.01 -20.00
CA GLU A 171 -3.34 9.15 -21.34
C GLU A 171 -4.37 8.06 -21.63
N LYS A 172 -4.04 6.84 -21.21
CA LYS A 172 -4.93 5.72 -21.42
C LYS A 172 -6.27 5.89 -20.71
N TYR A 173 -6.26 6.52 -19.55
CA TYR A 173 -7.51 6.70 -18.82
C TYR A 173 -8.23 8.02 -19.04
N GLY A 174 -7.81 8.75 -20.07
CA GLY A 174 -8.46 9.99 -20.42
C GLY A 174 -8.22 11.27 -19.65
N ILE A 175 -7.13 11.34 -18.87
CA ILE A 175 -6.83 12.55 -18.12
C ILE A 175 -6.65 13.73 -19.09
N LEU A 176 -7.35 14.83 -18.83
CA LEU A 176 -7.31 16.01 -19.68
C LEU A 176 -6.12 16.94 -19.42
N GLY A 177 -5.71 17.06 -18.16
CA GLY A 177 -4.60 17.93 -17.85
C GLY A 177 -3.93 17.53 -16.56
N VAL A 178 -2.65 17.87 -16.45
CA VAL A 178 -1.85 17.58 -15.26
C VAL A 178 -1.55 18.87 -14.54
N GLU A 179 -1.97 18.96 -13.27
CA GLU A 179 -1.69 20.13 -12.47
C GLU A 179 -1.31 19.68 -11.06
N MET A 180 -1.42 20.55 -10.06
CA MET A 180 -0.99 20.14 -8.73
C MET A 180 -1.87 20.51 -7.54
N GLU A 181 -3.15 20.82 -7.75
CA GLU A 181 -3.98 21.22 -6.61
C GLU A 181 -5.42 20.71 -6.51
N ALA A 182 -6.08 20.54 -7.65
CA ALA A 182 -7.48 20.12 -7.69
C ALA A 182 -7.92 19.04 -6.69
N ALA A 183 -7.24 17.89 -6.68
CA ALA A 183 -7.60 16.81 -5.77
C ALA A 183 -7.54 17.23 -4.31
N GLY A 184 -6.66 18.18 -4.01
CA GLY A 184 -6.50 18.65 -2.64
C GLY A 184 -7.62 19.59 -2.23
N ILE A 185 -8.01 20.48 -3.14
CA ILE A 185 -9.08 21.42 -2.87
C ILE A 185 -10.42 20.67 -2.74
N TYR A 186 -10.62 19.68 -3.59
CA TYR A 186 -11.86 18.91 -3.56
C TYR A 186 -11.97 18.14 -2.25
N GLY A 187 -10.83 17.68 -1.73
CA GLY A 187 -10.83 16.95 -0.48
C GLY A 187 -11.22 17.86 0.68
N VAL A 188 -10.72 19.09 0.64
CA VAL A 188 -11.02 20.07 1.67
C VAL A 188 -12.50 20.44 1.63
N ALA A 189 -13.03 20.63 0.42
CA ALA A 189 -14.44 20.99 0.26
C ALA A 189 -15.33 19.91 0.87
N ALA A 190 -15.00 18.64 0.62
CA ALA A 190 -15.78 17.53 1.16
C ALA A 190 -15.66 17.44 2.68
N GLU A 191 -14.43 17.60 3.19
CA GLU A 191 -14.19 17.53 4.64
C GLU A 191 -14.88 18.61 5.44
N PHE A 192 -14.95 19.82 4.91
CA PHE A 192 -15.57 20.92 5.65
C PHE A 192 -16.91 21.39 5.08
N GLY A 193 -17.50 20.59 4.22
CA GLY A 193 -18.80 20.92 3.65
C GLY A 193 -18.96 22.19 2.83
N ALA A 194 -18.11 22.37 1.81
CA ALA A 194 -18.20 23.54 0.93
C ALA A 194 -18.22 23.05 -0.52
N LYS A 195 -18.22 23.98 -1.47
CA LYS A 195 -18.24 23.63 -2.90
C LYS A 195 -16.99 24.13 -3.60
N ALA A 196 -16.48 23.36 -4.56
CA ALA A 196 -15.29 23.76 -5.27
C ALA A 196 -15.24 23.33 -6.75
N LEU A 197 -14.44 24.05 -7.53
CA LEU A 197 -14.28 23.76 -8.94
C LEU A 197 -12.91 24.25 -9.41
N THR A 198 -12.30 23.49 -10.30
CA THR A 198 -11.01 23.85 -10.88
C THR A 198 -11.14 23.98 -12.40
N ILE A 199 -10.74 25.14 -12.92
CA ILE A 199 -10.75 25.38 -14.36
C ILE A 199 -9.28 25.62 -14.72
N CYS A 200 -8.83 25.04 -15.82
CA CYS A 200 -7.43 25.22 -16.23
C CYS A 200 -7.29 25.46 -17.72
N THR A 201 -6.22 26.16 -18.09
CA THR A 201 -5.94 26.40 -19.50
C THR A 201 -4.66 25.61 -19.78
N VAL A 202 -4.62 24.91 -20.91
CA VAL A 202 -3.44 24.10 -21.26
C VAL A 202 -2.27 25.01 -21.65
N SER A 203 -1.19 24.97 -20.88
CA SER A 203 -0.03 25.81 -21.16
C SER A 203 1.12 25.04 -21.80
N ASP A 204 1.06 23.71 -21.76
CA ASP A 204 2.09 22.88 -22.37
C ASP A 204 1.52 21.51 -22.67
N HIS A 205 2.09 20.83 -23.67
CA HIS A 205 1.60 19.51 -24.03
C HIS A 205 2.71 18.48 -23.92
N ILE A 206 3.00 18.07 -22.69
CA ILE A 206 4.04 17.09 -22.40
C ILE A 206 4.31 16.16 -23.58
N ARG A 207 5.60 16.01 -23.93
CA ARG A 207 6.03 15.18 -25.04
C ARG A 207 5.71 15.83 -26.39
N THR A 208 5.28 17.08 -26.36
CA THR A 208 4.96 17.81 -27.60
C THR A 208 4.90 19.31 -27.34
N HIS A 209 6.04 19.98 -27.40
CA HIS A 209 6.10 21.42 -27.17
C HIS A 209 5.85 22.25 -28.43
N GLU A 210 4.78 23.05 -28.39
CA GLU A 210 4.43 23.91 -29.52
C GLU A 210 4.82 25.34 -29.16
N GLN A 211 4.17 26.33 -29.79
CA GLN A 211 4.50 27.72 -29.50
C GLN A 211 3.27 28.60 -29.32
N THR A 212 3.42 29.65 -28.52
CA THR A 212 2.36 30.62 -28.25
C THR A 212 3.00 31.97 -27.99
N THR A 213 2.27 33.04 -28.30
CA THR A 213 2.77 34.39 -28.07
C THR A 213 2.24 34.90 -26.73
N ALA A 214 3.00 35.78 -26.09
CA ALA A 214 2.61 36.34 -24.80
C ALA A 214 1.23 36.99 -24.88
N ALA A 215 0.85 37.41 -26.09
CA ALA A 215 -0.45 38.03 -26.30
C ALA A 215 -1.55 36.98 -26.36
N GLU A 216 -1.22 35.81 -26.91
CA GLU A 216 -2.18 34.71 -26.99
C GLU A 216 -2.50 34.20 -25.58
N ARG A 217 -1.46 34.07 -24.77
CA ARG A 217 -1.61 33.61 -23.40
C ARG A 217 -2.44 34.61 -22.59
N GLN A 218 -2.20 35.89 -22.83
CA GLN A 218 -2.94 36.96 -22.15
C GLN A 218 -4.42 36.78 -22.42
N THR A 219 -4.74 36.55 -23.70
CA THR A 219 -6.11 36.37 -24.14
C THR A 219 -6.78 35.15 -23.49
N THR A 220 -6.12 34.01 -23.57
CA THR A 220 -6.65 32.78 -23.00
C THR A 220 -6.86 32.91 -21.49
N PHE A 221 -5.92 33.54 -20.80
CA PHE A 221 -6.05 33.70 -19.35
C PHE A 221 -7.26 34.56 -19.02
N ASN A 222 -7.42 35.67 -19.75
CA ASN A 222 -8.55 36.55 -19.52
C ASN A 222 -9.86 35.80 -19.81
N ASP A 223 -9.84 34.90 -20.80
CA ASP A 223 -11.01 34.11 -21.14
C ASP A 223 -11.42 33.23 -19.97
N MET A 224 -10.44 32.56 -19.35
CA MET A 224 -10.68 31.69 -18.21
C MET A 224 -11.30 32.47 -17.03
N ILE A 225 -10.80 33.67 -16.78
CA ILE A 225 -11.33 34.49 -15.68
C ILE A 225 -12.75 34.93 -15.96
N LYS A 226 -13.03 35.36 -17.20
CA LYS A 226 -14.39 35.78 -17.54
C LYS A 226 -15.36 34.59 -17.42
N ILE A 227 -14.90 33.40 -17.81
CA ILE A 227 -15.72 32.18 -17.70
C ILE A 227 -16.03 31.91 -16.23
N ALA A 228 -15.01 32.00 -15.38
CA ALA A 228 -15.19 31.77 -13.95
C ALA A 228 -16.19 32.75 -13.35
N LEU A 229 -15.98 34.04 -13.62
CA LEU A 229 -16.84 35.10 -13.08
C LEU A 229 -18.29 35.01 -13.58
N GLU A 230 -18.47 34.75 -14.87
CA GLU A 230 -19.82 34.63 -15.41
C GLU A 230 -20.49 33.36 -14.88
N SER A 231 -19.69 32.34 -14.54
CA SER A 231 -20.23 31.09 -14.04
C SER A 231 -20.89 31.31 -12.67
N VAL A 232 -20.28 32.17 -11.86
CA VAL A 232 -20.81 32.51 -10.53
C VAL A 232 -22.20 33.11 -10.64
N LEU A 233 -22.36 34.09 -11.53
CA LEU A 233 -23.64 34.76 -11.74
C LEU A 233 -24.71 33.74 -12.15
N LEU A 234 -24.33 32.78 -12.98
CA LEU A 234 -25.25 31.73 -13.41
C LEU A 234 -25.68 30.91 -12.20
N GLY A 235 -24.73 30.64 -11.31
CA GLY A 235 -25.02 29.87 -10.11
C GLY A 235 -25.96 30.60 -9.18
N ASP A 236 -25.97 31.93 -9.24
CA ASP A 236 -26.85 32.72 -8.37
C ASP A 236 -28.29 32.71 -8.88
N LYS A 237 -28.50 32.25 -10.11
CA LYS A 237 -29.83 32.22 -10.72
C LYS A 237 -30.51 30.86 -10.64
N ALA B 1 15.83 -12.63 34.08
CA ALA B 1 15.99 -13.46 32.89
C ALA B 1 14.71 -13.46 32.05
N THR B 2 14.87 -13.72 30.74
CA THR B 2 13.76 -13.77 29.81
C THR B 2 13.92 -15.10 29.08
N PRO B 3 13.01 -15.42 28.13
CA PRO B 3 13.16 -16.70 27.43
C PRO B 3 14.36 -16.72 26.49
N HIS B 4 14.95 -15.54 26.25
CA HIS B 4 16.08 -15.44 25.33
C HIS B 4 17.41 -15.08 25.97
N ILE B 5 17.37 -14.58 27.20
CA ILE B 5 18.58 -14.19 27.92
C ILE B 5 18.53 -14.67 29.36
N ASN B 6 19.39 -15.63 29.69
CA ASN B 6 19.44 -16.17 31.05
C ASN B 6 20.45 -15.40 31.89
N ALA B 7 20.10 -14.15 32.23
CA ALA B 7 20.98 -13.30 33.02
C ALA B 7 20.13 -12.43 33.95
N GLU B 8 20.78 -11.61 34.77
CA GLU B 8 20.09 -10.73 35.69
C GLU B 8 20.61 -9.31 35.61
N MET B 9 19.81 -8.36 36.10
CA MET B 9 20.20 -6.96 36.09
C MET B 9 21.59 -6.82 36.72
N GLY B 10 22.49 -6.13 36.03
CA GLY B 10 23.84 -5.96 36.53
C GLY B 10 24.84 -6.76 35.70
N ASP B 11 24.38 -7.87 35.13
CA ASP B 11 25.22 -8.74 34.30
C ASP B 11 25.74 -8.08 33.02
N PHE B 12 25.01 -7.09 32.50
CA PHE B 12 25.45 -6.40 31.31
C PHE B 12 25.84 -4.97 31.66
N ALA B 13 26.78 -4.42 30.89
CA ALA B 13 27.23 -3.04 31.06
C ALA B 13 26.12 -2.19 30.44
N ASP B 14 26.17 -0.88 30.61
CA ASP B 14 25.14 -0.03 30.02
C ASP B 14 25.40 0.26 28.55
N VAL B 15 26.44 -0.38 28.01
CA VAL B 15 26.81 -0.24 26.61
C VAL B 15 27.10 -1.65 26.09
N VAL B 16 26.43 -2.04 25.00
CA VAL B 16 26.64 -3.37 24.43
C VAL B 16 27.00 -3.30 22.94
N LEU B 17 28.10 -3.95 22.56
CA LEU B 17 28.48 -4.00 21.15
C LEU B 17 27.83 -5.28 20.62
N MET B 18 27.25 -5.23 19.42
CA MET B 18 26.58 -6.43 18.89
C MET B 18 26.86 -6.83 17.45
N PRO B 19 27.53 -7.98 17.25
CA PRO B 19 27.84 -8.49 15.92
C PRO B 19 26.69 -9.45 15.59
N GLY B 20 26.48 -9.78 14.32
CA GLY B 20 25.40 -10.69 13.99
C GLY B 20 25.73 -12.12 14.40
N ASP B 21 27.01 -12.49 14.24
CA ASP B 21 27.51 -13.83 14.56
C ASP B 21 27.88 -14.03 16.03
N PRO B 22 27.21 -14.95 16.74
CA PRO B 22 27.53 -15.18 18.16
C PRO B 22 28.99 -15.59 18.38
N LEU B 23 29.60 -16.24 17.39
CA LEU B 23 30.99 -16.67 17.49
C LEU B 23 31.91 -15.45 17.40
N ARG B 24 31.41 -14.38 16.78
CA ARG B 24 32.17 -13.16 16.64
C ARG B 24 32.19 -12.42 17.98
N ALA B 25 31.16 -12.65 18.80
CA ALA B 25 31.07 -12.04 20.10
C ALA B 25 32.16 -12.59 21.02
N LYS B 26 32.42 -13.90 20.93
CA LYS B 26 33.46 -14.53 21.75
C LYS B 26 34.81 -14.01 21.27
N TYR B 27 34.94 -13.85 19.95
CA TYR B 27 36.18 -13.34 19.38
C TYR B 27 36.49 -11.94 19.89
N ILE B 28 35.46 -11.08 19.95
CA ILE B 28 35.63 -9.71 20.44
C ILE B 28 35.98 -9.67 21.92
N ALA B 29 35.29 -10.48 22.71
CA ALA B 29 35.55 -10.51 24.15
C ALA B 29 36.98 -10.95 24.44
N GLU B 30 37.40 -12.00 23.75
CA GLU B 30 38.74 -12.57 23.92
C GLU B 30 39.85 -11.63 23.47
N THR B 31 39.61 -10.92 22.38
CA THR B 31 40.62 -10.01 21.81
C THR B 31 40.75 -8.63 22.43
N PHE B 32 39.63 -8.00 22.80
CA PHE B 32 39.68 -6.64 23.35
C PHE B 32 39.27 -6.42 24.80
N LEU B 33 38.56 -7.36 25.41
CA LEU B 33 38.11 -7.16 26.80
C LEU B 33 38.95 -7.88 27.84
N GLU B 34 39.12 -7.22 29.00
CA GLU B 34 39.88 -7.79 30.10
C GLU B 34 38.93 -8.29 31.19
N ASP B 35 39.32 -9.39 31.85
CA ASP B 35 38.52 -9.97 32.91
C ASP B 35 37.06 -10.17 32.48
N ALA B 36 36.88 -10.75 31.31
CA ALA B 36 35.54 -10.97 30.77
C ALA B 36 34.91 -12.26 31.23
N ARG B 37 33.59 -12.27 31.32
CA ARG B 37 32.86 -13.46 31.73
C ARG B 37 31.60 -13.64 30.87
N GLU B 38 31.28 -14.89 30.54
CA GLU B 38 30.12 -15.20 29.73
C GLU B 38 28.86 -14.98 30.59
N VAL B 39 27.90 -14.20 30.07
CA VAL B 39 26.68 -13.92 30.83
C VAL B 39 25.39 -14.46 30.20
N ASN B 40 25.50 -15.09 29.02
CA ASN B 40 24.33 -15.70 28.38
C ASN B 40 24.75 -16.77 27.38
N ASN B 41 23.93 -17.81 27.26
CA ASN B 41 24.22 -18.92 26.35
C ASN B 41 22.94 -19.47 25.70
N VAL B 42 21.78 -18.94 26.10
CA VAL B 42 20.50 -19.43 25.56
C VAL B 42 20.48 -19.39 24.04
N ARG B 43 20.05 -20.49 23.43
CA ARG B 43 19.98 -20.61 21.97
C ARG B 43 21.35 -20.38 21.32
N GLY B 44 22.40 -20.47 22.13
CA GLY B 44 23.75 -20.28 21.63
C GLY B 44 24.14 -18.85 21.30
N MET B 45 23.32 -17.89 21.70
CA MET B 45 23.62 -16.48 21.42
C MET B 45 24.49 -15.94 22.55
N LEU B 46 25.77 -16.29 22.51
CA LEU B 46 26.75 -15.90 23.53
C LEU B 46 26.90 -14.40 23.79
N GLY B 47 26.90 -14.06 25.07
CA GLY B 47 27.08 -12.68 25.50
C GLY B 47 28.20 -12.68 26.53
N PHE B 48 29.00 -11.62 26.56
CA PHE B 48 30.12 -11.51 27.50
C PHE B 48 30.21 -10.12 28.10
N THR B 49 30.82 -10.02 29.27
CA THR B 49 31.01 -8.73 29.93
C THR B 49 32.44 -8.65 30.48
N GLY B 50 33.09 -7.52 30.24
CA GLY B 50 34.45 -7.32 30.72
C GLY B 50 34.72 -5.83 30.72
N THR B 51 35.98 -5.44 30.62
CA THR B 51 36.31 -4.02 30.59
C THR B 51 37.31 -3.68 29.50
N TYR B 52 37.22 -2.46 29.00
CA TYR B 52 38.13 -1.95 27.98
C TYR B 52 38.76 -0.69 28.55
N LYS B 53 40.07 -0.73 28.78
CA LYS B 53 40.76 0.42 29.35
C LYS B 53 40.02 0.89 30.61
N GLY B 54 39.64 -0.07 31.45
CA GLY B 54 38.95 0.25 32.70
C GLY B 54 37.45 0.48 32.62
N ARG B 55 36.93 0.54 31.40
CA ARG B 55 35.50 0.78 31.19
C ARG B 55 34.74 -0.54 31.07
N LYS B 56 33.63 -0.66 31.79
CA LYS B 56 32.82 -1.89 31.73
C LYS B 56 32.07 -1.91 30.39
N ILE B 57 32.26 -2.99 29.64
CA ILE B 57 31.62 -3.13 28.32
C ILE B 57 31.12 -4.54 28.08
N SER B 58 30.01 -4.67 27.36
CA SER B 58 29.45 -5.97 27.03
C SER B 58 29.40 -6.17 25.51
N VAL B 59 29.39 -7.43 25.09
CA VAL B 59 29.32 -7.79 23.69
C VAL B 59 28.51 -9.07 23.54
N MET B 60 27.49 -9.05 22.68
CA MET B 60 26.62 -10.19 22.45
C MET B 60 26.06 -10.21 21.03
N GLY B 61 25.95 -11.40 20.44
CA GLY B 61 25.41 -11.51 19.09
C GLY B 61 23.91 -11.21 19.04
N HIS B 62 23.41 -10.82 17.87
CA HIS B 62 21.99 -10.53 17.73
C HIS B 62 21.28 -11.36 16.67
N GLY B 63 22.00 -12.26 16.00
CA GLY B 63 21.39 -13.08 14.96
C GLY B 63 21.16 -12.31 13.67
N MET B 64 20.73 -12.99 12.62
CA MET B 64 20.50 -12.31 11.34
C MET B 64 19.05 -11.86 11.15
N GLY B 65 18.86 -10.63 10.69
CA GLY B 65 17.52 -10.13 10.45
C GLY B 65 16.93 -9.22 11.51
N ILE B 66 16.04 -8.33 11.06
CA ILE B 66 15.38 -7.39 11.94
C ILE B 66 14.60 -8.06 13.08
N PRO B 67 13.82 -9.11 12.78
CA PRO B 67 13.05 -9.79 13.84
C PRO B 67 13.92 -10.36 14.96
N SER B 68 15.07 -10.89 14.59
CA SER B 68 15.97 -11.47 15.58
C SER B 68 16.61 -10.40 16.47
N CYS B 69 17.26 -9.42 15.86
CA CYS B 69 17.89 -8.38 16.67
C CYS B 69 16.88 -7.55 17.46
N SER B 70 15.63 -7.48 16.98
CA SER B 70 14.61 -6.71 17.68
C SER B 70 14.32 -7.33 19.05
N ILE B 71 14.36 -8.65 19.13
CA ILE B 71 14.12 -9.32 20.40
C ILE B 71 15.22 -9.01 21.42
N TYR B 72 16.48 -9.20 21.03
CA TYR B 72 17.60 -8.97 21.93
C TYR B 72 17.78 -7.51 22.36
N THR B 73 17.71 -6.57 21.43
CA THR B 73 17.89 -5.17 21.78
C THR B 73 16.78 -4.69 22.74
N LYS B 74 15.54 -5.08 22.47
CA LYS B 74 14.42 -4.69 23.33
C LYS B 74 14.65 -5.16 24.79
N GLU B 75 14.97 -6.43 24.95
CA GLU B 75 15.20 -7.00 26.28
C GLU B 75 16.37 -6.34 27.03
N LEU B 76 17.45 -6.06 26.33
CA LEU B 76 18.61 -5.42 26.96
C LEU B 76 18.22 -4.04 27.51
N ILE B 77 17.47 -3.28 26.72
CA ILE B 77 17.04 -1.95 27.13
C ILE B 77 16.01 -1.95 28.27
N THR B 78 14.98 -2.77 28.16
CA THR B 78 13.95 -2.80 29.19
C THR B 78 14.17 -3.70 30.40
N ASP B 79 15.00 -4.74 30.25
CA ASP B 79 15.25 -5.67 31.35
C ASP B 79 16.66 -5.60 31.95
N PHE B 80 17.63 -5.07 31.19
CA PHE B 80 18.99 -5.01 31.71
C PHE B 80 19.62 -3.62 31.83
N GLY B 81 18.80 -2.59 31.68
CA GLY B 81 19.26 -1.22 31.82
C GLY B 81 20.31 -0.70 30.84
N VAL B 82 20.37 -1.29 29.65
CA VAL B 82 21.33 -0.86 28.65
C VAL B 82 20.88 0.48 28.05
N LYS B 83 21.83 1.39 27.90
CA LYS B 83 21.57 2.73 27.39
C LYS B 83 21.99 2.90 25.93
N LYS B 84 23.09 2.25 25.55
CA LYS B 84 23.60 2.36 24.18
C LYS B 84 23.87 1.00 23.53
N ILE B 85 23.49 0.89 22.26
CA ILE B 85 23.70 -0.32 21.50
C ILE B 85 24.51 0.07 20.26
N ILE B 86 25.62 -0.64 20.04
CA ILE B 86 26.43 -0.37 18.85
C ILE B 86 26.53 -1.67 18.06
N ARG B 87 25.86 -1.72 16.91
CA ARG B 87 25.93 -2.90 16.08
C ARG B 87 27.23 -2.83 15.28
N VAL B 88 27.98 -3.93 15.25
CA VAL B 88 29.23 -3.99 14.52
C VAL B 88 29.12 -5.15 13.54
N GLY B 89 28.86 -4.84 12.27
CA GLY B 89 28.70 -5.90 11.29
C GLY B 89 29.40 -5.70 9.96
N SER B 90 28.86 -6.39 8.95
CA SER B 90 29.39 -6.32 7.59
C SER B 90 28.24 -5.95 6.66
N CYS B 91 28.57 -5.44 5.48
CA CYS B 91 27.55 -5.05 4.51
C CYS B 91 28.04 -5.22 3.07
N GLY B 92 27.12 -5.16 2.12
CA GLY B 92 27.48 -5.26 0.72
C GLY B 92 27.41 -3.86 0.13
N ALA B 93 28.31 -3.52 -0.78
CA ALA B 93 28.30 -2.19 -1.36
C ALA B 93 27.63 -2.12 -2.73
N VAL B 94 26.98 -1.00 -3.03
CA VAL B 94 26.34 -0.81 -4.32
C VAL B 94 26.94 0.35 -5.10
N LEU B 95 27.48 1.33 -4.38
CA LEU B 95 28.09 2.50 -5.00
C LEU B 95 29.47 2.16 -5.56
N PRO B 96 29.79 2.69 -6.75
CA PRO B 96 31.06 2.45 -7.41
C PRO B 96 32.29 2.96 -6.65
N HIS B 97 32.12 4.05 -5.91
CA HIS B 97 33.24 4.62 -5.17
C HIS B 97 33.40 4.11 -3.74
N VAL B 98 32.53 3.21 -3.32
CA VAL B 98 32.66 2.62 -1.99
C VAL B 98 33.38 1.29 -2.23
N LYS B 99 34.61 1.18 -1.72
CA LYS B 99 35.40 -0.02 -1.93
C LYS B 99 35.45 -0.99 -0.76
N LEU B 100 35.96 -2.19 -1.03
CA LEU B 100 36.09 -3.21 0.00
C LEU B 100 36.90 -2.65 1.16
N ARG B 101 36.57 -3.10 2.35
CA ARG B 101 37.24 -2.67 3.57
C ARG B 101 36.97 -1.22 3.95
N ASP B 102 35.95 -0.60 3.36
CA ASP B 102 35.60 0.76 3.72
C ASP B 102 34.80 0.64 5.02
N VAL B 103 34.95 1.60 5.92
CA VAL B 103 34.19 1.57 7.17
C VAL B 103 32.99 2.51 6.99
N VAL B 104 31.79 1.95 7.11
CA VAL B 104 30.57 2.72 6.94
C VAL B 104 29.82 2.93 8.25
N ILE B 105 29.32 4.14 8.45
CA ILE B 105 28.55 4.48 9.64
C ILE B 105 27.16 4.87 9.18
N GLY B 106 26.16 4.14 9.65
CA GLY B 106 24.79 4.43 9.24
C GLY B 106 24.08 5.47 10.09
N MET B 107 24.04 6.71 9.64
CA MET B 107 23.34 7.74 10.39
C MET B 107 21.84 7.48 10.19
N GLY B 108 21.52 6.79 9.11
CA GLY B 108 20.13 6.44 8.80
C GLY B 108 20.08 5.06 8.17
N ALA B 109 18.90 4.46 8.12
CA ALA B 109 18.75 3.14 7.51
C ALA B 109 17.39 2.96 6.85
N CYS B 110 17.42 2.69 5.54
CA CYS B 110 16.21 2.44 4.76
C CYS B 110 15.88 0.97 4.96
N THR B 111 14.69 0.55 4.56
CA THR B 111 14.31 -0.85 4.72
C THR B 111 13.08 -1.25 3.92
N ASP B 112 12.94 -2.55 3.66
CA ASP B 112 11.75 -3.04 2.97
C ASP B 112 10.91 -3.84 3.96
N SER B 113 11.24 -3.69 5.24
CA SER B 113 10.51 -4.36 6.32
C SER B 113 9.27 -3.51 6.61
N LYS B 114 8.28 -4.11 7.26
CA LYS B 114 7.05 -3.40 7.59
C LYS B 114 6.99 -3.01 9.07
N VAL B 115 8.01 -3.38 9.84
CA VAL B 115 8.00 -3.11 11.30
C VAL B 115 7.85 -1.65 11.72
N ASN B 116 8.50 -0.72 11.01
CA ASN B 116 8.35 0.67 11.42
C ASN B 116 7.03 1.28 10.97
N ARG B 117 6.41 0.71 9.93
CA ARG B 117 5.12 1.23 9.49
C ARG B 117 4.06 0.79 10.50
N ILE B 118 4.25 -0.39 11.07
CA ILE B 118 3.34 -0.89 12.08
C ILE B 118 3.43 0.01 13.30
N ARG B 119 4.64 0.48 13.61
CA ARG B 119 4.87 1.36 14.75
C ARG B 119 4.36 2.78 14.53
N PHE B 120 4.60 3.27 13.32
CA PHE B 120 4.27 4.65 12.95
C PHE B 120 3.00 4.90 12.16
N LYS B 121 1.93 4.15 12.49
CA LYS B 121 0.65 4.31 11.81
C LYS B 121 0.69 4.32 10.30
N ASP B 122 1.46 3.41 9.71
CA ASP B 122 1.58 3.27 8.27
C ASP B 122 2.22 4.45 7.55
N HIS B 123 2.89 5.33 8.27
CA HIS B 123 3.56 6.47 7.64
C HIS B 123 5.06 6.19 7.54
N ASP B 124 5.82 7.19 7.11
CA ASP B 124 7.28 7.05 6.95
C ASP B 124 8.07 7.50 8.18
N PHE B 125 8.61 6.55 8.92
CA PHE B 125 9.43 6.87 10.08
C PHE B 125 10.89 6.83 9.64
N ALA B 126 11.63 7.92 9.82
CA ALA B 126 13.03 7.92 9.42
C ALA B 126 13.86 7.28 10.52
N ALA B 127 14.31 6.05 10.27
CA ALA B 127 15.09 5.29 11.24
C ALA B 127 16.52 5.83 11.29
N ILE B 128 16.82 6.58 12.34
CA ILE B 128 18.15 7.17 12.50
C ILE B 128 18.89 6.78 13.76
N ALA B 129 20.20 6.98 13.74
CA ALA B 129 21.07 6.68 14.86
C ALA B 129 21.10 7.89 15.80
N ASP B 130 21.75 7.75 16.94
CA ASP B 130 21.88 8.86 17.88
C ASP B 130 23.02 9.75 17.38
N PHE B 131 22.74 11.04 17.19
CA PHE B 131 23.74 11.96 16.67
C PHE B 131 25.07 11.94 17.42
N ASP B 132 25.04 12.06 18.74
CA ASP B 132 26.28 12.06 19.52
C ASP B 132 27.11 10.80 19.32
N MET B 133 26.45 9.65 19.21
CA MET B 133 27.15 8.39 18.97
C MET B 133 27.82 8.36 17.60
N VAL B 134 27.16 8.95 16.60
CA VAL B 134 27.73 9.01 15.25
C VAL B 134 28.98 9.89 15.30
N ARG B 135 28.86 11.03 15.96
CA ARG B 135 29.96 11.97 16.10
C ARG B 135 31.15 11.34 16.82
N ASN B 136 30.90 10.62 17.91
CA ASN B 136 31.97 9.97 18.67
C ASN B 136 32.72 8.96 17.81
N ALA B 137 31.99 8.22 16.97
CA ALA B 137 32.59 7.20 16.13
C ALA B 137 33.42 7.83 15.00
N VAL B 138 32.93 8.94 14.45
CA VAL B 138 33.66 9.63 13.39
C VAL B 138 34.96 10.17 13.99
N ASP B 139 34.87 10.72 15.20
CA ASP B 139 36.05 11.26 15.88
C ASP B 139 37.06 10.18 16.24
N ALA B 140 36.58 9.05 16.75
CA ALA B 140 37.47 7.94 17.10
C ALA B 140 38.20 7.44 15.85
N ALA B 141 37.48 7.39 14.72
CA ALA B 141 38.07 6.94 13.47
C ALA B 141 39.20 7.88 13.04
N LYS B 142 38.99 9.19 13.18
CA LYS B 142 40.03 10.15 12.80
C LYS B 142 41.26 9.90 13.65
N ALA B 143 41.05 9.73 14.95
CA ALA B 143 42.14 9.49 15.89
C ALA B 143 42.96 8.26 15.51
N LEU B 144 42.32 7.28 14.89
CA LEU B 144 42.99 6.06 14.48
C LEU B 144 43.53 6.14 13.05
N GLY B 145 43.33 7.30 12.43
CA GLY B 145 43.80 7.48 11.07
C GLY B 145 42.94 6.78 10.04
N ILE B 146 41.67 6.54 10.37
CA ILE B 146 40.78 5.86 9.45
C ILE B 146 39.72 6.76 8.84
N ASP B 147 39.46 6.57 7.55
CA ASP B 147 38.46 7.32 6.83
C ASP B 147 37.15 6.55 7.01
N ALA B 148 36.06 7.26 7.27
CA ALA B 148 34.77 6.59 7.47
C ALA B 148 33.66 7.36 6.76
N ARG B 149 32.85 6.67 5.98
CA ARG B 149 31.75 7.33 5.28
C ARG B 149 30.50 7.28 6.16
N VAL B 150 29.80 8.41 6.26
CA VAL B 150 28.59 8.49 7.06
C VAL B 150 27.40 8.67 6.12
N GLY B 151 26.40 7.81 6.22
CA GLY B 151 25.25 7.93 5.34
C GLY B 151 24.13 6.94 5.63
N ASN B 152 23.43 6.56 4.57
CA ASN B 152 22.32 5.61 4.66
C ASN B 152 22.74 4.18 4.39
N LEU B 153 22.13 3.26 5.14
CA LEU B 153 22.33 1.84 4.96
C LEU B 153 20.95 1.37 4.46
N PHE B 154 20.86 0.14 3.99
CA PHE B 154 19.58 -0.42 3.56
C PHE B 154 19.48 -1.75 4.29
N SER B 155 18.43 -1.91 5.10
CA SER B 155 18.21 -3.15 5.84
C SER B 155 17.22 -4.04 5.08
N ALA B 156 17.73 -5.11 4.50
CA ALA B 156 16.89 -6.02 3.72
C ALA B 156 16.27 -7.17 4.51
N ASP B 157 15.07 -7.57 4.13
CA ASP B 157 14.38 -8.69 4.77
C ASP B 157 14.82 -9.97 4.05
N LEU B 158 15.11 -9.85 2.76
CA LEU B 158 15.53 -10.99 1.95
C LEU B 158 16.96 -10.87 1.42
N PHE B 159 17.87 -11.68 1.97
CA PHE B 159 19.27 -11.71 1.53
C PHE B 159 19.29 -12.15 0.06
N TYR B 160 18.40 -13.10 -0.27
CA TYR B 160 18.26 -13.59 -1.64
C TYR B 160 16.97 -12.96 -2.17
N SER B 161 17.09 -11.74 -2.69
CA SER B 161 15.93 -11.02 -3.20
C SER B 161 15.38 -11.59 -4.49
N PRO B 162 14.04 -11.66 -4.61
CA PRO B 162 13.45 -12.19 -5.83
C PRO B 162 13.64 -11.20 -6.99
N ASP B 163 13.72 -9.92 -6.67
CA ASP B 163 13.90 -8.89 -7.71
C ASP B 163 15.17 -8.06 -7.49
N GLY B 164 16.23 -8.42 -8.19
CA GLY B 164 17.48 -7.69 -8.05
C GLY B 164 17.33 -6.27 -8.59
N GLU B 165 16.08 -5.82 -8.69
CA GLU B 165 15.79 -4.49 -9.20
C GLU B 165 16.11 -3.37 -8.20
N MET B 166 15.94 -3.65 -6.90
CA MET B 166 16.21 -2.64 -5.87
C MET B 166 17.66 -2.18 -5.76
N PHE B 167 18.59 -2.97 -6.28
CA PHE B 167 20.00 -2.59 -6.21
C PHE B 167 20.28 -1.33 -7.01
N ASP B 168 19.73 -1.22 -8.21
CA ASP B 168 19.94 -0.01 -9.01
C ASP B 168 19.29 1.17 -8.30
N VAL B 169 18.13 0.93 -7.69
CA VAL B 169 17.40 1.95 -6.96
C VAL B 169 18.22 2.43 -5.75
N MET B 170 18.78 1.51 -4.97
CA MET B 170 19.60 1.86 -3.81
C MET B 170 20.78 2.72 -4.25
N GLU B 171 21.45 2.30 -5.33
CA GLU B 171 22.59 3.01 -5.86
C GLU B 171 22.17 4.40 -6.30
N LYS B 172 21.02 4.47 -6.96
CA LYS B 172 20.45 5.71 -7.46
C LYS B 172 20.30 6.74 -6.33
N TYR B 173 19.83 6.27 -5.18
CA TYR B 173 19.62 7.14 -4.03
C TYR B 173 20.72 7.24 -2.99
N GLY B 174 21.94 6.82 -3.36
CA GLY B 174 23.08 6.95 -2.47
C GLY B 174 23.33 6.03 -1.29
N ILE B 175 22.62 4.91 -1.20
CA ILE B 175 22.83 3.98 -0.08
C ILE B 175 24.29 3.51 -0.08
N LEU B 176 24.93 3.56 1.08
CA LEU B 176 26.33 3.15 1.23
C LEU B 176 26.55 1.64 1.38
N GLY B 177 25.65 0.97 2.07
CA GLY B 177 25.81 -0.47 2.26
C GLY B 177 24.51 -1.20 2.52
N VAL B 178 24.49 -2.48 2.16
CA VAL B 178 23.31 -3.31 2.34
C VAL B 178 23.54 -4.35 3.45
N GLU B 179 22.70 -4.31 4.47
CA GLU B 179 22.79 -5.28 5.56
C GLU B 179 21.38 -5.72 5.97
N MET B 180 21.21 -6.24 7.18
CA MET B 180 19.88 -6.73 7.56
C MET B 180 19.34 -6.38 8.96
N GLU B 181 19.91 -5.41 9.65
CA GLU B 181 19.42 -5.11 11.00
C GLU B 181 19.24 -3.65 11.43
N ALA B 182 20.09 -2.76 10.91
CA ALA B 182 20.06 -1.35 11.29
C ALA B 182 18.69 -0.71 11.48
N ALA B 183 17.82 -0.80 10.48
CA ALA B 183 16.49 -0.18 10.59
C ALA B 183 15.67 -0.71 11.75
N GLY B 184 15.84 -1.99 12.06
CA GLY B 184 15.12 -2.60 13.15
C GLY B 184 15.61 -2.13 14.50
N ILE B 185 16.93 -2.05 14.66
CA ILE B 185 17.52 -1.59 15.91
C ILE B 185 17.17 -0.12 16.18
N TYR B 186 17.20 0.71 15.14
CA TYR B 186 16.87 2.13 15.29
C TYR B 186 15.40 2.26 15.69
N GLY B 187 14.57 1.36 15.17
CA GLY B 187 13.15 1.38 15.51
C GLY B 187 12.94 1.05 16.98
N VAL B 188 13.68 0.07 17.49
CA VAL B 188 13.59 -0.34 18.89
C VAL B 188 14.12 0.76 19.82
N ALA B 189 15.23 1.38 19.44
CA ALA B 189 15.82 2.45 20.24
C ALA B 189 14.81 3.58 20.44
N ALA B 190 14.14 3.95 19.36
CA ALA B 190 13.15 5.03 19.40
C ALA B 190 11.92 4.62 20.22
N GLU B 191 11.44 3.40 20.01
CA GLU B 191 10.26 2.92 20.73
C GLU B 191 10.46 2.82 22.24
N PHE B 192 11.63 2.37 22.68
CA PHE B 192 11.88 2.24 24.12
C PHE B 192 12.84 3.25 24.72
N GLY B 193 13.11 4.31 23.98
CA GLY B 193 13.96 5.38 24.46
C GLY B 193 15.42 5.16 24.83
N ALA B 194 16.18 4.51 23.95
CA ALA B 194 17.60 4.29 24.19
C ALA B 194 18.34 4.89 23.01
N LYS B 195 19.65 4.69 22.94
CA LYS B 195 20.44 5.23 21.83
C LYS B 195 21.14 4.09 21.09
N ALA B 196 21.23 4.18 19.77
CA ALA B 196 21.88 3.12 18.99
C ALA B 196 22.68 3.64 17.81
N LEU B 197 23.60 2.80 17.33
CA LEU B 197 24.44 3.12 16.18
C LEU B 197 24.87 1.83 15.49
N THR B 198 24.94 1.88 14.16
CA THR B 198 25.39 0.73 13.38
C THR B 198 26.64 1.12 12.58
N ILE B 199 27.71 0.33 12.71
CA ILE B 199 28.95 0.55 11.97
C ILE B 199 29.20 -0.76 11.21
N CYS B 200 29.59 -0.65 9.94
CA CYS B 200 29.84 -1.83 9.12
C CYS B 200 31.11 -1.69 8.28
N THR B 201 31.67 -2.83 7.88
CA THR B 201 32.84 -2.83 7.01
C THR B 201 32.33 -3.50 5.74
N VAL B 202 32.74 -2.99 4.58
CA VAL B 202 32.28 -3.54 3.30
C VAL B 202 32.89 -4.91 3.06
N SER B 203 32.05 -5.94 3.09
CA SER B 203 32.51 -7.32 2.87
C SER B 203 32.46 -7.77 1.42
N ASP B 204 31.65 -7.09 0.61
CA ASP B 204 31.52 -7.44 -0.79
C ASP B 204 30.88 -6.30 -1.58
N HIS B 205 31.06 -6.32 -2.89
CA HIS B 205 30.50 -5.28 -3.75
C HIS B 205 29.51 -5.85 -4.75
N ILE B 206 28.54 -5.04 -5.15
CA ILE B 206 27.53 -5.46 -6.10
C ILE B 206 28.12 -5.65 -7.50
N ARG B 207 28.97 -4.71 -7.90
CA ARG B 207 29.60 -4.77 -9.21
C ARG B 207 30.78 -5.73 -9.23
N THR B 208 31.97 -5.19 -9.00
CA THR B 208 33.18 -6.01 -8.98
C THR B 208 33.10 -7.05 -7.86
N HIS B 209 33.45 -8.30 -8.20
CA HIS B 209 33.41 -9.38 -7.22
C HIS B 209 34.82 -9.93 -6.97
N GLU B 210 35.62 -9.21 -6.19
CA GLU B 210 36.98 -9.64 -5.89
C GLU B 210 37.42 -9.26 -4.47
N GLN B 211 37.87 -10.24 -3.71
CA GLN B 211 38.34 -9.99 -2.35
C GLN B 211 39.74 -9.40 -2.33
N THR B 212 40.44 -9.60 -1.22
CA THR B 212 41.79 -9.11 -1.03
C THR B 212 42.63 -10.21 -0.38
N THR B 213 43.17 -9.96 0.81
CA THR B 213 43.96 -10.98 1.48
C THR B 213 43.58 -11.09 2.96
N ALA B 214 42.82 -12.11 3.30
CA ALA B 214 42.36 -12.36 4.67
C ALA B 214 42.99 -11.47 5.74
N ALA B 215 44.32 -11.44 5.80
CA ALA B 215 45.02 -10.60 6.78
C ALA B 215 44.50 -9.16 6.73
N GLU B 216 44.30 -8.63 5.53
CA GLU B 216 43.80 -7.26 5.35
C GLU B 216 42.36 -7.08 5.80
N ARG B 217 41.50 -8.06 5.49
CA ARG B 217 40.09 -7.99 5.88
C ARG B 217 39.97 -8.05 7.41
N GLN B 218 40.77 -8.91 8.02
CA GLN B 218 40.74 -9.07 9.47
C GLN B 218 41.30 -7.84 10.18
N THR B 219 42.18 -7.11 9.52
CA THR B 219 42.74 -5.90 10.10
C THR B 219 41.64 -4.83 10.16
N THR B 220 40.89 -4.73 9.08
CA THR B 220 39.79 -3.76 8.97
C THR B 220 38.70 -4.06 9.98
N PHE B 221 38.39 -5.34 10.19
CA PHE B 221 37.35 -5.70 11.15
C PHE B 221 37.76 -5.24 12.55
N ASN B 222 39.03 -5.44 12.91
CA ASN B 222 39.50 -5.01 14.22
C ASN B 222 39.49 -3.49 14.35
N ASP B 223 39.73 -2.79 13.24
CA ASP B 223 39.70 -1.34 13.25
C ASP B 223 38.29 -0.87 13.59
N MET B 224 37.30 -1.55 13.01
CA MET B 224 35.90 -1.20 13.27
C MET B 224 35.60 -1.35 14.77
N ILE B 225 36.04 -2.44 15.37
CA ILE B 225 35.80 -2.68 16.78
C ILE B 225 36.52 -1.63 17.63
N LYS B 226 37.74 -1.28 17.24
CA LYS B 226 38.48 -0.28 18.00
C LYS B 226 37.75 1.06 17.92
N ILE B 227 37.19 1.37 16.74
CA ILE B 227 36.44 2.60 16.55
C ILE B 227 35.24 2.58 17.52
N ALA B 228 34.54 1.45 17.57
CA ALA B 228 33.39 1.29 18.45
C ALA B 228 33.73 1.49 19.92
N LEU B 229 34.73 0.76 20.39
CA LEU B 229 35.15 0.84 21.79
C LEU B 229 35.68 2.23 22.16
N GLU B 230 36.50 2.82 21.30
CA GLU B 230 37.04 4.14 21.56
C GLU B 230 35.98 5.24 21.48
N SER B 231 34.91 4.99 20.73
CA SER B 231 33.83 5.98 20.61
C SER B 231 33.08 6.07 21.94
N VAL B 232 33.02 4.95 22.65
CA VAL B 232 32.35 4.89 23.95
C VAL B 232 33.09 5.74 24.98
N LEU B 233 34.42 5.66 24.99
CA LEU B 233 35.20 6.44 25.94
C LEU B 233 34.97 7.93 25.68
N LEU B 234 35.00 8.32 24.41
CA LEU B 234 34.77 9.71 24.03
C LEU B 234 33.42 10.19 24.55
N GLY B 235 32.41 9.33 24.45
CA GLY B 235 31.07 9.66 24.92
C GLY B 235 30.99 9.79 26.43
N ASP B 236 31.79 9.00 27.15
CA ASP B 236 31.80 9.05 28.61
C ASP B 236 32.27 10.41 29.13
N LYS B 237 33.08 11.10 28.34
CA LYS B 237 33.60 12.39 28.74
C LYS B 237 32.50 13.45 28.73
N ALA C 1 -36.74 -15.16 6.65
CA ALA C 1 -36.20 -14.63 5.40
C ALA C 1 -35.12 -13.61 5.68
N THR C 2 -34.12 -13.55 4.79
CA THR C 2 -33.02 -12.60 4.91
C THR C 2 -33.13 -11.65 3.71
N PRO C 3 -32.36 -10.55 3.72
CA PRO C 3 -32.41 -9.58 2.62
C PRO C 3 -32.33 -10.17 1.22
N HIS C 4 -31.59 -11.27 1.03
CA HIS C 4 -31.46 -11.84 -0.30
C HIS C 4 -31.97 -13.27 -0.47
N ILE C 5 -32.53 -13.84 0.61
CA ILE C 5 -33.04 -15.21 0.53
C ILE C 5 -34.42 -15.30 1.19
N ASN C 6 -35.42 -15.65 0.40
CA ASN C 6 -36.77 -15.77 0.94
C ASN C 6 -37.06 -17.21 1.34
N ALA C 7 -36.62 -17.57 2.55
CA ALA C 7 -36.82 -18.90 3.11
C ALA C 7 -36.81 -18.76 4.63
N GLU C 8 -37.08 -19.87 5.32
CA GLU C 8 -37.10 -19.87 6.78
C GLU C 8 -36.17 -20.96 7.28
N MET C 9 -35.73 -20.82 8.52
CA MET C 9 -34.83 -21.78 9.16
C MET C 9 -35.40 -23.18 8.97
N GLY C 10 -34.58 -24.09 8.46
CA GLY C 10 -35.04 -25.45 8.23
C GLY C 10 -35.16 -25.78 6.77
N ASP C 11 -35.34 -24.77 5.92
CA ASP C 11 -35.48 -25.01 4.49
C ASP C 11 -34.19 -25.51 3.82
N PHE C 12 -33.05 -25.12 4.37
CA PHE C 12 -31.76 -25.56 3.83
C PHE C 12 -31.19 -26.64 4.71
N ALA C 13 -30.40 -27.53 4.11
CA ALA C 13 -29.75 -28.60 4.85
C ALA C 13 -28.59 -27.94 5.60
N ASP C 14 -27.91 -28.68 6.46
CA ASP C 14 -26.79 -28.11 7.19
C ASP C 14 -25.55 -28.02 6.29
N VAL C 15 -25.67 -28.54 5.06
CA VAL C 15 -24.59 -28.52 4.08
C VAL C 15 -25.16 -28.03 2.76
N VAL C 16 -24.47 -27.10 2.11
CA VAL C 16 -24.92 -26.57 0.84
C VAL C 16 -23.83 -26.50 -0.23
N LEU C 17 -24.11 -27.08 -1.39
CA LEU C 17 -23.18 -27.05 -2.51
C LEU C 17 -23.50 -25.74 -3.19
N MET C 18 -22.49 -25.01 -3.65
CA MET C 18 -22.74 -23.73 -4.29
C MET C 18 -21.94 -23.41 -5.54
N PRO C 19 -22.59 -23.41 -6.71
CA PRO C 19 -21.91 -23.09 -7.97
C PRO C 19 -22.17 -21.59 -8.19
N GLY C 20 -21.37 -20.95 -9.03
CA GLY C 20 -21.60 -19.53 -9.28
C GLY C 20 -22.85 -19.32 -10.11
N ASP C 21 -23.16 -20.32 -10.95
CA ASP C 21 -24.31 -20.26 -11.86
C ASP C 21 -25.60 -20.86 -11.29
N PRO C 22 -26.68 -20.06 -11.24
CA PRO C 22 -27.97 -20.53 -10.71
C PRO C 22 -28.48 -21.71 -11.54
N LEU C 23 -28.21 -21.67 -12.84
CA LEU C 23 -28.66 -22.72 -13.74
C LEU C 23 -27.93 -24.04 -13.50
N ARG C 24 -26.70 -23.98 -12.97
CA ARG C 24 -25.97 -25.21 -12.68
C ARG C 24 -26.56 -25.82 -11.41
N ALA C 25 -27.00 -24.95 -10.49
CA ALA C 25 -27.61 -25.41 -9.25
C ALA C 25 -28.87 -26.20 -9.61
N LYS C 26 -29.65 -25.65 -10.54
CA LYS C 26 -30.90 -26.27 -10.99
C LYS C 26 -30.60 -27.65 -11.57
N TYR C 27 -29.57 -27.72 -12.41
CA TYR C 27 -29.17 -28.98 -13.03
C TYR C 27 -28.71 -29.99 -11.98
N ILE C 28 -27.94 -29.51 -11.00
CA ILE C 28 -27.47 -30.41 -9.95
C ILE C 28 -28.65 -30.96 -9.18
N ALA C 29 -29.62 -30.10 -8.89
CA ALA C 29 -30.80 -30.52 -8.14
C ALA C 29 -31.65 -31.54 -8.90
N GLU C 30 -31.77 -31.36 -10.21
CA GLU C 30 -32.57 -32.26 -11.04
C GLU C 30 -31.86 -33.57 -11.37
N THR C 31 -30.54 -33.53 -11.42
CA THR C 31 -29.74 -34.70 -11.76
C THR C 31 -29.25 -35.54 -10.60
N PHE C 32 -28.96 -34.93 -9.46
CA PHE C 32 -28.42 -35.68 -8.34
C PHE C 32 -29.25 -35.80 -7.06
N LEU C 33 -30.23 -34.93 -6.87
CA LEU C 33 -31.03 -35.00 -5.64
C LEU C 33 -32.43 -35.55 -5.86
N GLU C 34 -32.93 -36.30 -4.86
CA GLU C 34 -34.27 -36.86 -4.93
C GLU C 34 -35.25 -35.99 -4.18
N ASP C 35 -36.47 -35.89 -4.69
CA ASP C 35 -37.50 -35.07 -4.06
C ASP C 35 -37.01 -33.64 -3.87
N ALA C 36 -36.31 -33.12 -4.87
CA ALA C 36 -35.76 -31.76 -4.82
C ALA C 36 -36.86 -30.70 -4.89
N ARG C 37 -36.81 -29.73 -3.98
CA ARG C 37 -37.79 -28.65 -3.97
C ARG C 37 -37.09 -27.29 -3.94
N GLU C 38 -37.60 -26.35 -4.74
CA GLU C 38 -37.02 -25.01 -4.81
C GLU C 38 -37.36 -24.22 -3.55
N VAL C 39 -36.35 -23.64 -2.92
CA VAL C 39 -36.56 -22.87 -1.70
C VAL C 39 -36.25 -21.37 -1.81
N ASN C 40 -35.66 -20.95 -2.92
CA ASN C 40 -35.35 -19.54 -3.13
C ASN C 40 -35.32 -19.16 -4.61
N ASN C 41 -35.77 -17.94 -4.89
CA ASN C 41 -35.83 -17.43 -6.26
C ASN C 41 -35.52 -15.93 -6.31
N VAL C 42 -35.29 -15.32 -5.16
CA VAL C 42 -34.99 -13.89 -5.10
C VAL C 42 -33.78 -13.54 -6.00
N ARG C 43 -33.96 -12.54 -6.85
CA ARG C 43 -32.93 -12.09 -7.78
C ARG C 43 -32.51 -13.20 -8.75
N GLY C 44 -33.31 -14.26 -8.82
CA GLY C 44 -33.01 -15.37 -9.72
C GLY C 44 -31.95 -16.33 -9.20
N MET C 45 -31.51 -16.12 -7.96
CA MET C 45 -30.49 -16.99 -7.38
C MET C 45 -31.13 -18.25 -6.81
N LEU C 46 -31.51 -19.16 -7.72
CA LEU C 46 -32.17 -20.41 -7.37
C LEU C 46 -31.49 -21.26 -6.30
N GLY C 47 -32.29 -21.72 -5.33
CA GLY C 47 -31.81 -22.57 -4.27
C GLY C 47 -32.71 -23.78 -4.19
N PHE C 48 -32.15 -24.96 -3.92
CA PHE C 48 -32.92 -26.21 -3.85
C PHE C 48 -32.50 -27.08 -2.68
N THR C 49 -33.44 -27.86 -2.15
CA THR C 49 -33.17 -28.80 -1.07
C THR C 49 -33.77 -30.16 -1.41
N GLY C 50 -32.94 -31.20 -1.34
CA GLY C 50 -33.40 -32.54 -1.65
C GLY C 50 -32.62 -33.56 -0.85
N THR C 51 -32.49 -34.76 -1.39
CA THR C 51 -31.77 -35.81 -0.67
C THR C 51 -30.82 -36.60 -1.59
N TYR C 52 -29.69 -37.01 -1.04
CA TYR C 52 -28.71 -37.79 -1.79
C TYR C 52 -28.42 -39.02 -0.96
N LYS C 53 -28.77 -40.19 -1.48
CA LYS C 53 -28.57 -41.45 -0.76
C LYS C 53 -29.16 -41.31 0.64
N GLY C 54 -30.32 -40.65 0.72
CA GLY C 54 -31.00 -40.45 1.98
C GLY C 54 -30.52 -39.29 2.83
N ARG C 55 -29.41 -38.68 2.43
CA ARG C 55 -28.80 -37.57 3.15
C ARG C 55 -29.41 -36.24 2.67
N LYS C 56 -29.93 -35.43 3.60
CA LYS C 56 -30.52 -34.14 3.24
C LYS C 56 -29.43 -33.16 2.79
N ILE C 57 -29.58 -32.61 1.58
CA ILE C 57 -28.60 -31.69 1.01
C ILE C 57 -29.25 -30.57 0.20
N SER C 58 -28.59 -29.40 0.19
CA SER C 58 -29.07 -28.24 -0.55
C SER C 58 -28.04 -27.81 -1.59
N VAL C 59 -28.49 -27.08 -2.60
CA VAL C 59 -27.61 -26.57 -3.64
C VAL C 59 -28.18 -25.23 -4.13
N MET C 60 -27.37 -24.17 -4.04
CA MET C 60 -27.79 -22.83 -4.44
C MET C 60 -26.64 -22.03 -5.05
N GLY C 61 -26.93 -21.26 -6.09
CA GLY C 61 -25.91 -20.46 -6.73
C GLY C 61 -25.47 -19.30 -5.85
N HIS C 62 -24.31 -18.74 -6.13
CA HIS C 62 -23.81 -17.61 -5.33
C HIS C 62 -23.41 -16.40 -6.16
N GLY C 63 -23.52 -16.52 -7.48
CA GLY C 63 -23.16 -15.40 -8.35
C GLY C 63 -21.65 -15.28 -8.57
N MET C 64 -21.26 -14.40 -9.49
CA MET C 64 -19.84 -14.21 -9.78
C MET C 64 -19.20 -13.10 -8.96
N GLY C 65 -18.02 -13.38 -8.41
CA GLY C 65 -17.32 -12.38 -7.61
C GLY C 65 -17.41 -12.54 -6.11
N ILE C 66 -16.37 -12.10 -5.42
CA ILE C 66 -16.29 -12.16 -3.97
C ILE C 66 -17.45 -11.39 -3.31
N PRO C 67 -17.77 -10.18 -3.79
CA PRO C 67 -18.87 -9.43 -3.16
C PRO C 67 -20.21 -10.18 -3.22
N SER C 68 -20.50 -10.82 -4.34
CA SER C 68 -21.74 -11.55 -4.50
C SER C 68 -21.82 -12.75 -3.57
N CYS C 69 -20.84 -13.65 -3.64
CA CYS C 69 -20.86 -14.84 -2.80
C CYS C 69 -20.71 -14.54 -1.30
N SER C 70 -20.11 -13.41 -0.95
CA SER C 70 -19.97 -13.08 0.47
C SER C 70 -21.34 -12.85 1.10
N ILE C 71 -22.25 -12.27 0.32
CA ILE C 71 -23.60 -12.00 0.78
C ILE C 71 -24.37 -13.29 1.07
N TYR C 72 -24.42 -14.18 0.08
CA TYR C 72 -25.15 -15.44 0.22
C TYR C 72 -24.61 -16.39 1.28
N THR C 73 -23.28 -16.57 1.32
CA THR C 73 -22.71 -17.47 2.32
C THR C 73 -22.95 -16.95 3.74
N LYS C 74 -22.81 -15.63 3.93
CA LYS C 74 -23.03 -15.03 5.25
C LYS C 74 -24.47 -15.29 5.73
N GLU C 75 -25.46 -15.01 4.88
CA GLU C 75 -26.85 -15.19 5.25
C GLU C 75 -27.21 -16.63 5.59
N LEU C 76 -26.67 -17.58 4.83
CA LEU C 76 -26.92 -19.00 5.09
C LEU C 76 -26.38 -19.42 6.46
N ILE C 77 -25.18 -18.96 6.78
CA ILE C 77 -24.53 -19.29 8.04
C ILE C 77 -25.20 -18.67 9.26
N THR C 78 -25.57 -17.39 9.16
CA THR C 78 -26.16 -16.72 10.31
C THR C 78 -27.66 -16.89 10.52
N ASP C 79 -28.40 -17.17 9.46
CA ASP C 79 -29.84 -17.32 9.58
C ASP C 79 -30.47 -18.65 9.18
N PHE C 80 -29.70 -19.55 8.59
CA PHE C 80 -30.27 -20.84 8.19
C PHE C 80 -29.55 -22.06 8.73
N GLY C 81 -28.72 -21.85 9.75
CA GLY C 81 -28.01 -22.95 10.37
C GLY C 81 -27.06 -23.77 9.50
N VAL C 82 -26.58 -23.19 8.41
CA VAL C 82 -25.66 -23.92 7.52
C VAL C 82 -24.27 -24.04 8.18
N LYS C 83 -23.77 -25.28 8.26
CA LYS C 83 -22.48 -25.54 8.90
C LYS C 83 -21.32 -25.71 7.91
N LYS C 84 -21.62 -26.27 6.74
CA LYS C 84 -20.60 -26.50 5.71
C LYS C 84 -21.00 -25.97 4.33
N ILE C 85 -20.05 -25.33 3.66
CA ILE C 85 -20.32 -24.83 2.32
C ILE C 85 -19.25 -25.40 1.39
N ILE C 86 -19.70 -26.05 0.31
CA ILE C 86 -18.78 -26.62 -0.66
C ILE C 86 -19.03 -25.94 -2.00
N ARG C 87 -18.10 -25.09 -2.41
CA ARG C 87 -18.24 -24.41 -3.69
C ARG C 87 -17.82 -25.39 -4.80
N VAL C 88 -18.63 -25.46 -5.84
CA VAL C 88 -18.36 -26.32 -6.98
C VAL C 88 -18.42 -25.41 -8.20
N GLY C 89 -17.26 -24.86 -8.56
CA GLY C 89 -17.22 -23.94 -9.68
C GLY C 89 -16.31 -24.33 -10.83
N SER C 90 -15.98 -23.34 -11.65
CA SER C 90 -15.11 -23.51 -12.80
C SER C 90 -13.90 -22.59 -12.59
N CYS C 91 -12.83 -22.83 -13.35
CA CYS C 91 -11.64 -22.00 -13.23
C CYS C 91 -10.79 -22.07 -14.49
N GLY C 92 -9.85 -21.12 -14.60
CA GLY C 92 -8.96 -21.10 -15.74
C GLY C 92 -7.58 -21.58 -15.30
N ALA C 93 -6.93 -22.37 -16.15
CA ALA C 93 -5.62 -22.91 -15.83
C ALA C 93 -4.52 -22.02 -16.36
N VAL C 94 -3.40 -21.99 -15.64
CA VAL C 94 -2.27 -21.18 -16.05
C VAL C 94 -1.04 -22.07 -16.29
N LEU C 95 -0.97 -23.19 -15.58
CA LEU C 95 0.13 -24.15 -15.71
C LEU C 95 0.03 -24.98 -16.99
N PRO C 96 1.18 -25.26 -17.64
CA PRO C 96 1.14 -26.04 -18.88
C PRO C 96 0.67 -27.49 -18.72
N HIS C 97 0.96 -28.10 -17.57
CA HIS C 97 0.57 -29.48 -17.36
C HIS C 97 -0.85 -29.65 -16.80
N VAL C 98 -1.71 -28.67 -17.03
CA VAL C 98 -3.09 -28.73 -16.57
C VAL C 98 -4.03 -28.60 -17.77
N LYS C 99 -4.98 -29.52 -17.89
CA LYS C 99 -5.92 -29.50 -19.01
C LYS C 99 -7.40 -29.38 -18.67
N LEU C 100 -8.19 -28.98 -19.67
CA LEU C 100 -9.62 -28.80 -19.48
C LEU C 100 -10.28 -30.02 -18.84
N ARG C 101 -11.22 -29.75 -17.94
CA ARG C 101 -11.97 -30.76 -17.23
C ARG C 101 -11.23 -31.41 -16.06
N ASP C 102 -10.00 -30.97 -15.80
CA ASP C 102 -9.26 -31.50 -14.65
C ASP C 102 -9.94 -30.95 -13.39
N VAL C 103 -9.94 -31.72 -12.31
CA VAL C 103 -10.56 -31.27 -11.06
C VAL C 103 -9.48 -30.79 -10.11
N VAL C 104 -9.71 -29.64 -9.49
CA VAL C 104 -8.77 -29.07 -8.53
C VAL C 104 -9.45 -28.76 -7.19
N ILE C 105 -8.71 -28.98 -6.11
CA ILE C 105 -9.19 -28.75 -4.75
C ILE C 105 -8.36 -27.63 -4.09
N GLY C 106 -9.02 -26.53 -3.77
CA GLY C 106 -8.30 -25.41 -3.17
C GLY C 106 -8.11 -25.50 -1.67
N MET C 107 -6.94 -25.97 -1.25
CA MET C 107 -6.64 -26.04 0.18
C MET C 107 -6.40 -24.59 0.65
N GLY C 108 -6.03 -23.74 -0.30
CA GLY C 108 -5.79 -22.34 -0.01
C GLY C 108 -6.24 -21.51 -1.20
N ALA C 109 -6.39 -20.20 -0.99
CA ALA C 109 -6.79 -19.31 -2.06
C ALA C 109 -6.13 -17.94 -1.97
N CYS C 110 -5.33 -17.60 -2.97
CA CYS C 110 -4.67 -16.31 -3.04
C CYS C 110 -5.70 -15.33 -3.60
N THR C 111 -5.42 -14.03 -3.53
CA THR C 111 -6.36 -13.05 -4.06
C THR C 111 -5.78 -11.65 -4.19
N ASP C 112 -6.38 -10.84 -5.08
CA ASP C 112 -5.97 -9.46 -5.23
C ASP C 112 -7.09 -8.56 -4.71
N SER C 113 -8.05 -9.17 -4.01
CA SER C 113 -9.15 -8.43 -3.42
C SER C 113 -8.64 -7.80 -2.11
N LYS C 114 -9.37 -6.80 -1.61
CA LYS C 114 -8.98 -6.14 -0.37
C LYS C 114 -9.81 -6.61 0.83
N VAL C 115 -10.83 -7.44 0.60
CA VAL C 115 -11.70 -7.88 1.68
C VAL C 115 -11.03 -8.50 2.91
N ASN C 116 -10.03 -9.35 2.71
CA ASN C 116 -9.37 -9.96 3.86
C ASN C 116 -8.42 -9.00 4.60
N ARG C 117 -7.85 -8.04 3.87
CA ARG C 117 -6.97 -7.06 4.50
C ARG C 117 -7.82 -6.14 5.36
N ILE C 118 -9.08 -5.96 4.95
CA ILE C 118 -10.00 -5.13 5.70
C ILE C 118 -10.38 -5.83 7.00
N ARG C 119 -10.42 -7.17 6.98
CA ARG C 119 -10.77 -7.96 8.16
C ARG C 119 -9.56 -8.20 9.07
N PHE C 120 -8.38 -8.25 8.47
CA PHE C 120 -7.15 -8.59 9.20
C PHE C 120 -6.15 -7.45 9.45
N LYS C 121 -6.65 -6.25 9.69
CA LYS C 121 -5.78 -5.09 9.94
C LYS C 121 -4.69 -4.85 8.91
N ASP C 122 -5.03 -5.05 7.64
CA ASP C 122 -4.10 -4.86 6.53
C ASP C 122 -2.89 -5.80 6.49
N HIS C 123 -2.99 -6.94 7.16
CA HIS C 123 -1.91 -7.92 7.14
C HIS C 123 -2.30 -9.04 6.18
N ASP C 124 -1.48 -10.08 6.10
CA ASP C 124 -1.73 -11.22 5.22
C ASP C 124 -2.51 -12.33 5.92
N PHE C 125 -3.79 -12.48 5.59
CA PHE C 125 -4.60 -13.55 6.17
C PHE C 125 -4.54 -14.70 5.17
N ALA C 126 -4.08 -15.88 5.60
CA ALA C 126 -4.00 -17.03 4.71
C ALA C 126 -5.38 -17.68 4.60
N ALA C 127 -6.08 -17.41 3.50
CA ALA C 127 -7.41 -17.96 3.29
C ALA C 127 -7.31 -19.44 2.96
N ILE C 128 -7.60 -20.28 3.95
CA ILE C 128 -7.52 -21.73 3.76
C ILE C 128 -8.86 -22.44 3.99
N ALA C 129 -8.98 -23.64 3.42
CA ALA C 129 -10.20 -24.44 3.57
C ALA C 129 -10.11 -25.29 4.84
N ASP C 130 -11.19 -25.96 5.19
CA ASP C 130 -11.22 -26.82 6.37
C ASP C 130 -10.48 -28.12 6.03
N PHE C 131 -9.45 -28.45 6.82
CA PHE C 131 -8.64 -29.65 6.57
C PHE C 131 -9.42 -30.95 6.37
N ASP C 132 -10.36 -31.22 7.28
CA ASP C 132 -11.14 -32.45 7.16
C ASP C 132 -11.92 -32.49 5.86
N MET C 133 -12.48 -31.34 5.46
CA MET C 133 -13.23 -31.28 4.22
C MET C 133 -12.32 -31.56 3.04
N VAL C 134 -11.09 -31.07 3.08
CA VAL C 134 -10.15 -31.32 1.99
C VAL C 134 -9.83 -32.81 1.91
N ARG C 135 -9.56 -33.41 3.06
CA ARG C 135 -9.25 -34.82 3.14
C ARG C 135 -10.45 -35.65 2.66
N ASN C 136 -11.66 -35.25 3.06
CA ASN C 136 -12.85 -35.97 2.62
C ASN C 136 -12.95 -35.98 1.10
N ALA C 137 -12.68 -34.82 0.48
CA ALA C 137 -12.75 -34.67 -0.97
C ALA C 137 -11.69 -35.53 -1.68
N VAL C 138 -10.48 -35.56 -1.13
CA VAL C 138 -9.41 -36.37 -1.70
C VAL C 138 -9.77 -37.86 -1.66
N ASP C 139 -10.25 -38.32 -0.50
CA ASP C 139 -10.65 -39.71 -0.32
C ASP C 139 -11.80 -40.08 -1.28
N ALA C 140 -12.78 -39.21 -1.38
CA ALA C 140 -13.93 -39.44 -2.26
C ALA C 140 -13.49 -39.57 -3.71
N ALA C 141 -12.52 -38.74 -4.13
CA ALA C 141 -12.04 -38.79 -5.49
C ALA C 141 -11.34 -40.12 -5.79
N LYS C 142 -10.53 -40.58 -4.84
CA LYS C 142 -9.81 -41.83 -5.01
C LYS C 142 -10.78 -43.00 -5.11
N ALA C 143 -11.83 -42.96 -4.29
CA ALA C 143 -12.85 -44.00 -4.29
C ALA C 143 -13.61 -44.01 -5.62
N LEU C 144 -13.78 -42.84 -6.23
CA LEU C 144 -14.49 -42.74 -7.50
C LEU C 144 -13.55 -42.94 -8.70
N GLY C 145 -12.25 -43.01 -8.43
CA GLY C 145 -11.29 -43.19 -9.50
C GLY C 145 -11.12 -41.94 -10.35
N ILE C 146 -11.29 -40.78 -9.73
CA ILE C 146 -11.15 -39.51 -10.43
C ILE C 146 -9.90 -38.78 -9.95
N ASP C 147 -9.09 -38.29 -10.87
CA ASP C 147 -7.88 -37.57 -10.48
C ASP C 147 -8.25 -36.17 -9.95
N ALA C 148 -7.42 -35.61 -9.07
CA ALA C 148 -7.67 -34.29 -8.51
C ALA C 148 -6.42 -33.74 -7.84
N ARG C 149 -6.04 -32.50 -8.18
CA ARG C 149 -4.86 -31.88 -7.56
C ARG C 149 -5.27 -31.00 -6.39
N VAL C 150 -4.46 -30.99 -5.34
CA VAL C 150 -4.74 -30.18 -4.17
C VAL C 150 -3.70 -29.07 -4.10
N GLY C 151 -4.17 -27.82 -3.98
CA GLY C 151 -3.24 -26.70 -3.91
C GLY C 151 -3.89 -25.35 -3.76
N ASN C 152 -3.20 -24.31 -4.24
CA ASN C 152 -3.67 -22.94 -4.17
C ASN C 152 -4.47 -22.51 -5.39
N LEU C 153 -5.51 -21.74 -5.16
CA LEU C 153 -6.33 -21.19 -6.23
C LEU C 153 -6.04 -19.68 -6.14
N PHE C 154 -6.44 -18.92 -7.15
CA PHE C 154 -6.26 -17.47 -7.10
C PHE C 154 -7.63 -16.87 -7.40
N SER C 155 -8.16 -16.12 -6.44
CA SER C 155 -9.47 -15.49 -6.59
C SER C 155 -9.27 -14.06 -7.08
N ALA C 156 -9.63 -13.82 -8.35
CA ALA C 156 -9.48 -12.51 -8.98
C ALA C 156 -10.72 -11.63 -8.93
N ASP C 157 -10.51 -10.31 -8.84
CA ASP C 157 -11.61 -9.36 -8.84
C ASP C 157 -11.92 -9.01 -10.30
N LEU C 158 -10.90 -9.01 -11.15
CA LEU C 158 -11.07 -8.70 -12.56
C LEU C 158 -10.83 -9.87 -13.50
N PHE C 159 -11.91 -10.40 -14.06
CA PHE C 159 -11.85 -11.52 -15.00
C PHE C 159 -11.00 -11.05 -16.19
N TYR C 160 -11.19 -9.80 -16.59
CA TYR C 160 -10.40 -9.20 -17.67
C TYR C 160 -9.34 -8.32 -17.02
N SER C 161 -8.22 -8.95 -16.67
CA SER C 161 -7.10 -8.28 -15.99
C SER C 161 -6.30 -7.27 -16.82
N PRO C 162 -6.03 -6.10 -16.23
CA PRO C 162 -5.27 -5.02 -16.87
C PRO C 162 -3.81 -5.40 -17.10
N ASP C 163 -3.32 -6.38 -16.34
CA ASP C 163 -1.93 -6.80 -16.53
C ASP C 163 -1.76 -8.33 -16.54
N GLY C 164 -1.46 -8.85 -17.73
CA GLY C 164 -1.29 -10.28 -17.89
C GLY C 164 0.02 -10.79 -17.32
N GLU C 165 0.92 -9.88 -16.98
CA GLU C 165 2.21 -10.30 -16.42
C GLU C 165 1.97 -11.03 -15.10
N MET C 166 0.88 -10.68 -14.40
CA MET C 166 0.57 -11.35 -13.14
C MET C 166 0.32 -12.85 -13.34
N PHE C 167 -0.07 -13.25 -14.55
CA PHE C 167 -0.30 -14.66 -14.83
C PHE C 167 1.03 -15.42 -14.71
N ASP C 168 2.12 -14.76 -15.06
CA ASP C 168 3.47 -15.36 -14.99
C ASP C 168 3.81 -15.60 -13.54
N VAL C 169 3.42 -14.66 -12.68
CA VAL C 169 3.69 -14.76 -11.24
C VAL C 169 2.86 -15.89 -10.64
N MET C 170 1.59 -15.98 -11.05
CA MET C 170 0.71 -17.04 -10.57
C MET C 170 1.32 -18.39 -10.95
N GLU C 171 1.72 -18.52 -12.21
CA GLU C 171 2.32 -19.76 -12.70
C GLU C 171 3.57 -20.12 -11.90
N LYS C 172 4.46 -19.13 -11.71
CA LYS C 172 5.68 -19.38 -10.97
C LYS C 172 5.41 -19.94 -9.57
N TYR C 173 4.35 -19.46 -8.94
CA TYR C 173 4.04 -19.92 -7.59
C TYR C 173 3.07 -21.11 -7.55
N GLY C 174 2.92 -21.77 -8.69
CA GLY C 174 2.08 -22.96 -8.77
C GLY C 174 0.57 -22.87 -8.58
N ILE C 175 -0.04 -21.74 -8.93
CA ILE C 175 -1.49 -21.60 -8.78
C ILE C 175 -2.17 -22.59 -9.71
N LEU C 176 -3.08 -23.40 -9.16
CA LEU C 176 -3.77 -24.42 -9.93
C LEU C 176 -4.92 -23.95 -10.80
N GLY C 177 -5.63 -22.91 -10.37
CA GLY C 177 -6.73 -22.41 -11.17
C GLY C 177 -7.09 -20.99 -10.79
N VAL C 178 -7.57 -20.24 -11.77
CA VAL C 178 -7.98 -18.86 -11.53
C VAL C 178 -9.50 -18.78 -11.55
N GLU C 179 -10.08 -18.38 -10.42
CA GLU C 179 -11.52 -18.23 -10.33
C GLU C 179 -11.83 -16.91 -9.61
N MET C 180 -13.05 -16.72 -9.11
CA MET C 180 -13.36 -15.43 -8.51
C MET C 180 -14.09 -15.42 -7.17
N GLU C 181 -14.03 -16.53 -6.42
CA GLU C 181 -14.77 -16.56 -5.16
C GLU C 181 -14.11 -17.18 -3.93
N ALA C 182 -13.27 -18.20 -4.15
CA ALA C 182 -12.63 -18.93 -3.05
C ALA C 182 -12.18 -18.14 -1.83
N ALA C 183 -11.26 -17.19 -2.03
CA ALA C 183 -10.73 -16.40 -0.91
C ALA C 183 -11.81 -15.66 -0.14
N GLY C 184 -12.90 -15.33 -0.84
CA GLY C 184 -14.01 -14.63 -0.21
C GLY C 184 -14.84 -15.55 0.67
N ILE C 185 -15.09 -16.77 0.19
CA ILE C 185 -15.88 -17.73 0.94
C ILE C 185 -15.11 -18.16 2.20
N TYR C 186 -13.81 -18.35 2.06
CA TYR C 186 -12.97 -18.74 3.20
C TYR C 186 -12.92 -17.61 4.24
N GLY C 187 -12.86 -16.36 3.80
CA GLY C 187 -12.85 -15.24 4.72
C GLY C 187 -14.15 -15.17 5.50
N VAL C 188 -15.27 -15.43 4.81
CA VAL C 188 -16.59 -15.41 5.44
C VAL C 188 -16.76 -16.56 6.43
N ALA C 189 -16.29 -17.75 6.05
CA ALA C 189 -16.40 -18.91 6.92
C ALA C 189 -15.68 -18.66 8.25
N ALA C 190 -14.51 -18.03 8.17
CA ALA C 190 -13.73 -17.72 9.37
C ALA C 190 -14.37 -16.61 10.20
N GLU C 191 -14.86 -15.57 9.54
CA GLU C 191 -15.48 -14.46 10.25
C GLU C 191 -16.77 -14.86 10.97
N PHE C 192 -17.64 -15.63 10.30
CA PHE C 192 -18.90 -16.03 10.90
C PHE C 192 -18.98 -17.42 11.55
N GLY C 193 -17.85 -18.10 11.60
CA GLY C 193 -17.80 -19.40 12.25
C GLY C 193 -18.39 -20.63 11.59
N ALA C 194 -18.01 -20.90 10.34
CA ALA C 194 -18.49 -22.09 9.65
C ALA C 194 -17.30 -22.73 8.94
N LYS C 195 -17.54 -23.80 8.19
CA LYS C 195 -16.46 -24.48 7.47
C LYS C 195 -16.71 -24.49 5.97
N ALA C 196 -15.64 -24.35 5.18
CA ALA C 196 -15.80 -24.30 3.73
C ALA C 196 -14.70 -24.97 2.90
N LEU C 197 -15.04 -25.30 1.65
CA LEU C 197 -14.13 -25.92 0.71
C LEU C 197 -14.55 -25.58 -0.72
N THR C 198 -13.57 -25.35 -1.58
CA THR C 198 -13.80 -25.04 -2.98
C THR C 198 -13.19 -26.10 -3.90
N ILE C 199 -14.02 -26.65 -4.78
CA ILE C 199 -13.60 -27.65 -5.76
C ILE C 199 -13.94 -27.02 -7.11
N CYS C 200 -13.01 -27.10 -8.06
CA CYS C 200 -13.24 -26.50 -9.38
C CYS C 200 -12.91 -27.43 -10.54
N THR C 201 -13.57 -27.17 -11.67
CA THR C 201 -13.34 -27.92 -12.89
C THR C 201 -12.74 -26.91 -13.85
N VAL C 202 -11.58 -27.24 -14.41
CA VAL C 202 -10.93 -26.35 -15.37
C VAL C 202 -11.82 -26.22 -16.60
N SER C 203 -12.34 -25.01 -16.83
CA SER C 203 -13.23 -24.76 -17.96
C SER C 203 -12.57 -24.04 -19.13
N ASP C 204 -11.34 -23.57 -18.91
CA ASP C 204 -10.61 -22.87 -19.97
C ASP C 204 -9.14 -22.77 -19.59
N HIS C 205 -8.29 -22.51 -20.58
CA HIS C 205 -6.87 -22.35 -20.31
C HIS C 205 -6.47 -20.95 -20.71
N ILE C 206 -5.93 -20.21 -19.75
CA ILE C 206 -5.53 -18.83 -19.99
C ILE C 206 -4.43 -18.65 -21.04
N ARG C 207 -3.51 -19.61 -21.15
CA ARG C 207 -2.44 -19.48 -22.13
C ARG C 207 -2.83 -19.97 -23.54
N THR C 208 -3.42 -21.15 -23.63
CA THR C 208 -3.81 -21.69 -24.94
C THR C 208 -5.13 -21.15 -25.44
N HIS C 209 -5.95 -20.62 -24.54
CA HIS C 209 -7.25 -20.08 -24.88
C HIS C 209 -8.27 -21.16 -25.24
N GLU C 210 -7.95 -22.41 -24.97
CA GLU C 210 -8.90 -23.47 -25.27
C GLU C 210 -10.06 -23.23 -24.30
N GLN C 211 -11.28 -23.36 -24.81
CA GLN C 211 -12.49 -23.10 -24.01
C GLN C 211 -13.54 -24.20 -24.04
N THR C 212 -14.40 -24.18 -23.03
CA THR C 212 -15.52 -25.10 -22.92
C THR C 212 -16.70 -24.15 -23.15
N THR C 213 -17.81 -24.64 -23.68
CA THR C 213 -18.96 -23.78 -23.92
C THR C 213 -19.75 -23.51 -22.64
N ALA C 214 -20.52 -22.42 -22.64
CA ALA C 214 -21.31 -22.08 -21.47
C ALA C 214 -22.26 -23.24 -21.16
N ALA C 215 -22.83 -23.84 -22.20
CA ALA C 215 -23.74 -24.97 -22.03
C ALA C 215 -23.02 -26.09 -21.31
N GLU C 216 -21.78 -26.33 -21.70
CA GLU C 216 -20.97 -27.38 -21.09
C GLU C 216 -20.74 -27.11 -19.61
N ARG C 217 -20.41 -25.87 -19.28
CA ARG C 217 -20.15 -25.50 -17.89
C ARG C 217 -21.41 -25.65 -17.03
N GLN C 218 -22.55 -25.43 -17.66
CA GLN C 218 -23.84 -25.48 -16.98
C GLN C 218 -24.38 -26.89 -16.68
N THR C 219 -24.13 -27.84 -17.59
CA THR C 219 -24.68 -29.17 -17.41
C THR C 219 -23.77 -30.37 -17.68
N THR C 220 -22.46 -30.19 -17.70
CA THR C 220 -21.59 -31.34 -17.98
C THR C 220 -20.45 -31.59 -17.01
N PHE C 221 -20.33 -30.74 -15.98
CA PHE C 221 -19.26 -30.89 -14.99
C PHE C 221 -19.72 -31.82 -13.85
N ASN C 222 -19.88 -33.10 -14.16
CA ASN C 222 -20.35 -34.09 -13.19
C ASN C 222 -19.34 -34.64 -12.18
N ASP C 223 -18.08 -34.83 -12.60
CA ASP C 223 -17.09 -35.37 -11.67
C ASP C 223 -16.99 -34.61 -10.34
N MET C 224 -16.88 -33.29 -10.39
CA MET C 224 -16.75 -32.50 -9.16
C MET C 224 -17.96 -32.64 -8.25
N ILE C 225 -19.13 -32.78 -8.85
CA ILE C 225 -20.37 -32.90 -8.09
C ILE C 225 -20.39 -34.23 -7.33
N LYS C 226 -19.93 -35.28 -7.99
CA LYS C 226 -19.88 -36.62 -7.40
C LYS C 226 -18.93 -36.62 -6.19
N ILE C 227 -17.78 -35.98 -6.36
CA ILE C 227 -16.76 -35.89 -5.30
C ILE C 227 -17.31 -35.09 -4.13
N ALA C 228 -17.94 -33.96 -4.44
CA ALA C 228 -18.53 -33.11 -3.40
C ALA C 228 -19.54 -33.88 -2.56
N LEU C 229 -20.55 -34.45 -3.22
CA LEU C 229 -21.60 -35.19 -2.52
C LEU C 229 -21.10 -36.39 -1.73
N GLU C 230 -20.19 -37.16 -2.33
CA GLU C 230 -19.65 -38.33 -1.63
C GLU C 230 -18.74 -37.90 -0.48
N SER C 231 -18.10 -36.74 -0.60
CA SER C 231 -17.21 -36.26 0.46
C SER C 231 -18.01 -35.90 1.70
N VAL C 232 -19.26 -35.48 1.51
CA VAL C 232 -20.12 -35.10 2.62
C VAL C 232 -20.46 -36.33 3.46
N LEU C 233 -20.82 -37.42 2.76
CA LEU C 233 -21.17 -38.68 3.42
C LEU C 233 -19.99 -39.16 4.27
N LEU C 234 -18.80 -39.03 3.71
CA LEU C 234 -17.57 -39.42 4.40
C LEU C 234 -17.44 -38.59 5.67
N GLY C 235 -17.76 -37.31 5.57
CA GLY C 235 -17.67 -36.44 6.72
C GLY C 235 -18.66 -36.81 7.82
N ASP C 236 -19.85 -37.27 7.42
CA ASP C 236 -20.86 -37.66 8.38
C ASP C 236 -20.40 -38.83 9.24
N LYS C 237 -19.56 -39.70 8.67
CA LYS C 237 -19.07 -40.87 9.38
C LYS C 237 -17.83 -40.54 10.22
#